data_5Z54
#
_entry.id   5Z54
#
_cell.length_a   62.557
_cell.length_b   113.374
_cell.length_c   132.332
_cell.angle_alpha   90.00
_cell.angle_beta   90.00
_cell.angle_gamma   90.00
#
_symmetry.space_group_name_H-M   'P 21 21 21'
#
loop_
_entity.id
_entity.type
_entity.pdbx_description
1 polymer '12-epi-hapalindole C/U synthase'
2 non-polymer 'CALCIUM ION'
3 non-polymer amino({3-[(3S,8aS)-1,4-dioxooctahydropyrrolo[1,2-a]pyrazin-3-yl]propyl}amino)methaniminium
4 water water
#
_entity_poly.entity_id   1
_entity_poly.type   'polypeptide(L)'
_entity_poly.pdbx_seq_one_letter_code
;MKRKLIVAVVCLIFICFGINTPAHATSVVSIPINNAGFEDPFIEVVDDYTVDTPPGWTTYNPNNLVPEKRTTWTSNNGVG
YVGPGTQFYNQLAPEGRNIGYIYLAQKPGSGVAGFEQILDATLEPDTKYTLKVDVGNFGGEFQKISLAGFPGYRVELLAG
DTVLAADHNNLYIKDGEFKTSTVTFTATPDNPYLDQKLGIRLINLLQGTFSGLDFDNVRLTVEPAQT
;
_entity_poly.pdbx_strand_id   A,B,C,D
#
# COMPACT_ATOMS: atom_id res chain seq x y z
N SER A 27 -15.02 43.83 8.84
CA SER A 27 -13.78 44.62 9.14
C SER A 27 -12.57 43.68 9.24
N VAL A 28 -12.66 42.70 10.16
CA VAL A 28 -11.62 41.69 10.39
C VAL A 28 -11.88 40.50 9.45
N VAL A 29 -10.91 40.22 8.55
CA VAL A 29 -11.01 39.14 7.57
C VAL A 29 -10.18 37.92 8.05
N SER A 30 -10.53 36.72 7.56
CA SER A 30 -9.73 35.54 7.81
C SER A 30 -8.79 35.32 6.64
N ILE A 31 -7.51 35.03 6.93
CA ILE A 31 -6.62 34.57 5.89
C ILE A 31 -6.73 33.05 5.88
N PRO A 32 -7.07 32.42 4.72
CA PRO A 32 -7.30 30.97 4.69
C PRO A 32 -6.00 30.18 4.93
N ILE A 33 -6.11 29.12 5.73
CA ILE A 33 -4.97 28.26 6.03
C ILE A 33 -5.38 26.82 5.74
N ASN A 34 -4.53 26.09 5.02
CA ASN A 34 -4.77 24.69 4.75
C ASN A 34 -4.67 23.87 6.04
N ASN A 35 -5.70 23.01 6.26
CA ASN A 35 -5.67 21.97 7.27
C ASN A 35 -5.23 22.61 8.59
N ALA A 36 -5.94 23.71 8.93
CA ALA A 36 -5.56 24.66 9.96
C ALA A 36 -5.78 24.07 11.34
N GLY A 37 -6.62 23.03 11.40
CA GLY A 37 -6.88 22.37 12.67
C GLY A 37 -6.44 20.90 12.63
N PHE A 38 -5.64 20.55 11.63
CA PHE A 38 -5.02 19.22 11.49
C PHE A 38 -6.06 18.11 11.36
N GLU A 39 -7.24 18.43 10.85
CA GLU A 39 -8.34 17.43 10.74
C GLU A 39 -8.04 16.38 9.66
N ASP A 40 -7.25 16.73 8.65
CA ASP A 40 -6.89 15.80 7.58
C ASP A 40 -5.54 15.15 7.92
N PRO A 41 -5.47 13.80 7.95
CA PRO A 41 -6.55 12.84 7.70
C PRO A 41 -7.42 12.47 8.90
N PHE A 42 -8.56 11.79 8.65
CA PHE A 42 -9.43 11.34 9.72
C PHE A 42 -8.75 10.19 10.46
N ILE A 43 -8.91 10.13 11.78
CA ILE A 43 -8.30 9.06 12.55
C ILE A 43 -9.38 8.46 13.42
N GLU A 44 -9.48 7.13 13.44
CA GLU A 44 -10.66 6.50 14.03
C GLU A 44 -10.42 6.16 15.51
N VAL A 45 -9.27 5.59 15.84
CA VAL A 45 -9.07 5.02 17.17
C VAL A 45 -8.46 6.05 18.12
N VAL A 46 -8.87 5.96 19.39
CA VAL A 46 -8.49 6.90 20.43
C VAL A 46 -6.97 6.86 20.61
N ASP A 47 -6.32 8.05 20.54
CA ASP A 47 -4.89 8.26 20.78
C ASP A 47 -4.03 7.69 19.66
N ASP A 48 -4.66 7.32 18.54
CA ASP A 48 -3.91 6.92 17.38
C ASP A 48 -3.39 8.18 16.64
N TYR A 49 -2.37 7.99 15.80
CA TYR A 49 -1.65 9.13 15.20
C TYR A 49 -0.98 8.68 13.92
N THR A 50 -0.71 9.62 13.01
CA THR A 50 0.15 9.37 11.86
C THR A 50 1.55 9.86 12.22
N VAL A 51 2.56 9.41 11.44
CA VAL A 51 3.95 9.77 11.66
C VAL A 51 4.45 10.46 10.40
N ASP A 52 3.52 10.99 9.59
CA ASP A 52 3.91 11.69 8.38
C ASP A 52 3.45 13.12 8.47
N THR A 53 4.16 13.99 7.75
CA THR A 53 3.85 15.40 7.75
C THR A 53 2.38 15.57 7.42
N PRO A 54 1.66 16.33 8.24
CA PRO A 54 0.25 16.60 8.00
C PRO A 54 0.02 17.23 6.62
N PRO A 55 -1.04 16.83 5.88
CA PRO A 55 -1.32 17.43 4.57
C PRO A 55 -1.48 18.94 4.71
N GLY A 56 -0.95 19.69 3.75
CA GLY A 56 -1.05 21.16 3.76
C GLY A 56 0.16 21.84 4.44
N TRP A 57 0.95 21.09 5.21
CA TRP A 57 2.04 21.63 6.05
C TRP A 57 3.36 21.09 5.52
N THR A 58 4.44 21.77 5.87
CA THR A 58 5.77 21.33 5.56
C THR A 58 6.44 21.06 6.89
N THR A 59 7.48 20.21 6.87
CA THR A 59 8.28 19.99 8.05
C THR A 59 9.39 21.02 8.07
N TYR A 60 9.45 21.76 9.15
CA TYR A 60 10.50 22.75 9.28
C TYR A 60 11.63 22.05 10.02
N ASN A 61 12.80 22.02 9.38
CA ASN A 61 13.78 21.01 9.74
C ASN A 61 15.20 21.59 9.67
N PRO A 62 15.48 22.74 10.33
CA PRO A 62 16.75 23.43 10.13
C PRO A 62 17.96 22.71 10.73
N ASN A 63 17.74 21.70 11.60
CA ASN A 63 18.88 20.96 12.14
C ASN A 63 18.84 19.50 11.73
N ASN A 64 18.03 19.17 10.71
CA ASN A 64 17.91 17.80 10.22
C ASN A 64 17.53 16.81 11.32
N LEU A 65 16.72 17.25 12.30
CA LEU A 65 16.42 16.34 13.40
C LEU A 65 15.40 15.29 12.98
N VAL A 66 14.64 15.54 11.90
CA VAL A 66 13.51 14.68 11.55
C VAL A 66 13.80 13.99 10.23
N PRO A 67 13.84 12.63 10.16
CA PRO A 67 14.19 11.95 8.91
C PRO A 67 13.02 12.00 7.93
N GLU A 68 13.31 11.79 6.66
CA GLU A 68 12.33 11.76 5.59
C GLU A 68 11.38 10.56 5.74
N LYS A 69 11.90 9.39 6.11
CA LYS A 69 11.05 8.23 6.36
C LYS A 69 10.98 7.98 7.87
N ARG A 70 9.77 8.05 8.47
CA ARG A 70 9.81 7.99 9.92
C ARG A 70 9.12 6.74 10.47
N THR A 71 9.49 6.39 11.72
CA THR A 71 8.97 5.25 12.48
C THR A 71 8.76 5.68 13.95
N THR A 72 8.14 4.79 14.73
CA THR A 72 8.05 4.82 16.17
C THR A 72 9.39 5.15 16.83
N TRP A 73 10.47 4.64 16.26
CA TRP A 73 11.72 4.70 17.01
C TRP A 73 12.45 6.04 16.79
N THR A 74 11.91 6.87 15.88
CA THR A 74 12.61 8.07 15.45
C THR A 74 11.81 9.32 15.83
N SER A 75 12.45 10.47 15.65
CA SER A 75 11.78 11.75 15.61
C SER A 75 10.73 11.73 14.52
N ASN A 76 9.62 12.42 14.75
CA ASN A 76 8.56 12.42 13.77
C ASN A 76 7.58 13.53 14.11
N ASN A 77 6.69 13.78 13.17
CA ASN A 77 5.56 14.67 13.37
C ASN A 77 4.35 14.10 12.62
N GLY A 78 3.16 14.60 12.94
CA GLY A 78 1.96 14.17 12.25
C GLY A 78 0.72 14.67 12.98
N VAL A 79 -0.41 13.94 12.83
CA VAL A 79 -1.65 14.28 13.50
C VAL A 79 -2.04 13.14 14.42
N GLY A 80 -2.78 13.48 15.47
CA GLY A 80 -3.22 12.55 16.50
C GLY A 80 -4.66 12.87 16.91
N TYR A 81 -5.47 11.84 17.15
CA TYR A 81 -6.84 12.00 17.61
C TYR A 81 -6.85 12.13 19.13
N VAL A 82 -7.54 13.17 19.62
CA VAL A 82 -7.73 13.41 21.04
C VAL A 82 -9.24 13.41 21.34
N GLY A 83 -9.74 12.27 21.81
CA GLY A 83 -11.17 12.09 22.09
C GLY A 83 -11.42 11.33 23.40
N PRO A 84 -12.71 11.11 23.77
CA PRO A 84 -13.04 10.40 25.01
C PRO A 84 -12.17 9.14 25.11
N GLY A 85 -11.55 8.88 26.26
CA GLY A 85 -10.67 7.73 26.28
C GLY A 85 -9.20 8.13 26.40
N THR A 86 -8.86 9.39 26.07
CA THR A 86 -7.47 9.82 25.86
C THR A 86 -6.65 9.79 27.15
N GLN A 87 -5.47 9.17 27.05
CA GLN A 87 -4.54 9.06 28.17
C GLN A 87 -3.64 10.29 28.27
N PHE A 88 -3.76 11.23 27.32
CA PHE A 88 -2.76 12.29 27.14
C PHE A 88 -3.24 13.62 27.66
N TYR A 89 -4.55 13.78 27.77
CA TYR A 89 -5.08 15.08 28.04
C TYR A 89 -6.15 14.98 29.11
N ASN A 90 -6.36 16.07 29.83
CA ASN A 90 -7.52 16.19 30.70
C ASN A 90 -8.65 16.90 29.98
N GLN A 91 -8.53 17.02 28.66
CA GLN A 91 -9.60 17.63 27.89
C GLN A 91 -9.55 17.06 26.49
N LEU A 92 -10.57 17.36 25.71
CA LEU A 92 -10.61 16.90 24.34
C LEU A 92 -9.86 17.91 23.45
N ALA A 93 -9.65 17.56 22.17
CA ALA A 93 -8.95 18.44 21.25
C ALA A 93 -9.59 19.83 21.29
N PRO A 94 -8.77 20.90 21.26
CA PRO A 94 -9.26 22.27 21.18
C PRO A 94 -10.29 22.50 20.06
N GLU A 95 -10.09 21.86 18.92
CA GLU A 95 -11.01 21.97 17.77
C GLU A 95 -11.07 20.65 17.00
N GLY A 96 -12.28 20.24 16.61
CA GLY A 96 -12.56 18.99 15.90
C GLY A 96 -12.04 17.78 16.67
N ARG A 97 -11.40 16.87 15.97
CA ARG A 97 -10.98 15.60 16.54
C ARG A 97 -9.48 15.62 16.83
N ASN A 98 -8.69 16.27 15.96
CA ASN A 98 -7.24 16.02 15.87
C ASN A 98 -6.38 17.21 16.31
N ILE A 99 -5.15 16.89 16.74
CA ILE A 99 -4.12 17.89 16.99
C ILE A 99 -2.97 17.54 16.07
N GLY A 100 -2.06 18.50 15.80
CA GLY A 100 -0.80 18.22 15.12
C GLY A 100 0.33 18.12 16.15
N TYR A 101 1.29 17.18 15.98
CA TYR A 101 2.31 17.03 17.02
C TYR A 101 3.69 16.93 16.41
N ILE A 102 4.68 17.28 17.21
CA ILE A 102 6.08 17.13 16.87
C ILE A 102 6.77 16.41 18.03
N TYR A 103 7.44 15.31 17.72
CA TYR A 103 8.14 14.55 18.74
C TYR A 103 9.62 14.46 18.35
N LEU A 104 10.52 14.87 19.24
CA LEU A 104 11.93 14.82 18.89
C LEU A 104 12.67 13.91 19.88
N ALA A 105 13.44 12.95 19.33
CA ALA A 105 14.06 11.89 20.12
C ALA A 105 15.48 12.25 20.56
N GLN A 106 16.15 13.15 19.81
CA GLN A 106 17.46 13.65 20.21
C GLN A 106 17.37 14.35 21.57
N LYS A 107 18.54 14.65 22.15
CA LYS A 107 18.61 15.18 23.50
C LYS A 107 18.42 16.72 23.48
N PRO A 108 17.99 17.33 24.59
CA PRO A 108 17.81 18.79 24.68
C PRO A 108 19.05 19.56 24.24
N GLY A 109 18.86 20.62 23.45
CA GLY A 109 19.99 21.36 22.88
C GLY A 109 20.37 20.91 21.45
N SER A 110 19.74 19.87 20.90
CA SER A 110 20.19 19.34 19.61
C SER A 110 19.74 20.19 18.42
N GLY A 111 18.76 21.06 18.64
CA GLY A 111 18.20 21.88 17.55
C GLY A 111 16.69 22.09 17.71
N VAL A 112 15.99 22.38 16.61
CA VAL A 112 14.55 22.62 16.65
C VAL A 112 13.96 21.96 15.42
N ALA A 113 12.65 21.64 15.47
CA ALA A 113 11.88 21.26 14.28
C ALA A 113 10.42 21.60 14.51
N GLY A 114 9.63 21.61 13.43
CA GLY A 114 8.23 21.98 13.57
C GLY A 114 7.45 21.91 12.25
N PHE A 115 6.33 22.64 12.20
CA PHE A 115 5.51 22.72 11.00
C PHE A 115 5.65 24.12 10.39
N GLU A 116 5.59 24.20 9.07
CA GLU A 116 5.63 25.48 8.41
C GLU A 116 4.54 25.49 7.34
N GLN A 117 3.88 26.64 7.17
CA GLN A 117 3.02 26.73 6.00
C GLN A 117 3.13 28.12 5.37
N ILE A 118 3.51 28.15 4.08
CA ILE A 118 3.48 29.36 3.29
C ILE A 118 2.04 29.58 2.76
N LEU A 119 1.47 30.76 3.03
CA LEU A 119 0.09 31.07 2.67
C LEU A 119 0.02 31.75 1.30
N ASP A 120 -1.22 31.88 0.82
CA ASP A 120 -1.60 32.51 -0.45
C ASP A 120 -1.32 34.02 -0.34
N ALA A 121 -1.90 34.64 0.68
CA ALA A 121 -1.81 36.05 1.02
C ALA A 121 -0.36 36.57 1.16
N THR A 122 -0.20 37.87 0.85
CA THR A 122 1.06 38.58 0.95
C THR A 122 0.89 39.77 1.91
N LEU A 123 2.01 40.27 2.44
CA LEU A 123 1.97 41.26 3.50
C LEU A 123 1.50 42.59 2.94
N GLU A 124 0.44 43.16 3.53
CA GLU A 124 -0.15 44.42 3.09
C GLU A 124 0.17 45.54 4.08
N PRO A 125 0.45 46.76 3.58
CA PRO A 125 0.66 47.93 4.44
C PRO A 125 -0.57 48.37 5.24
N ASP A 126 -0.34 48.93 6.44
CA ASP A 126 -1.37 49.53 7.28
C ASP A 126 -2.35 48.48 7.80
N THR A 127 -1.88 47.25 7.94
CA THR A 127 -2.69 46.12 8.37
C THR A 127 -2.16 45.59 9.71
N LYS A 128 -3.08 45.17 10.58
CA LYS A 128 -2.70 44.43 11.76
C LYS A 128 -3.07 42.95 11.58
N TYR A 129 -2.06 42.08 11.79
CA TYR A 129 -2.20 40.64 11.75
C TYR A 129 -2.25 40.08 13.16
N THR A 130 -3.17 39.14 13.38
CA THR A 130 -3.27 38.38 14.62
C THR A 130 -3.20 36.89 14.27
N LEU A 131 -2.23 36.20 14.86
CA LEU A 131 -2.07 34.77 14.74
C LEU A 131 -2.33 34.15 16.12
N LYS A 132 -3.23 33.14 16.14
CA LYS A 132 -3.58 32.38 17.33
C LYS A 132 -3.39 30.89 17.06
N VAL A 133 -2.89 30.21 18.07
CA VAL A 133 -2.74 28.78 17.96
C VAL A 133 -2.81 28.21 19.38
N ASP A 134 -3.48 27.04 19.51
CA ASP A 134 -3.50 26.29 20.76
C ASP A 134 -2.24 25.43 20.85
N VAL A 135 -1.59 25.46 22.01
CA VAL A 135 -0.35 24.72 22.21
C VAL A 135 -0.62 23.73 23.31
N GLY A 136 -0.25 22.48 23.06
CA GLY A 136 -0.59 21.40 23.98
C GLY A 136 0.64 20.70 24.54
N ASN A 137 0.57 20.44 25.85
CA ASN A 137 1.55 19.68 26.58
C ASN A 137 0.93 18.31 26.90
N PHE A 138 1.21 17.28 26.11
CA PHE A 138 0.59 16.01 26.46
C PHE A 138 1.33 15.37 27.65
N GLY A 139 0.52 14.79 28.51
CA GLY A 139 1.01 14.07 29.70
C GLY A 139 0.69 12.61 29.55
N GLY A 140 0.66 11.89 30.66
CA GLY A 140 0.39 10.45 30.56
C GLY A 140 1.67 9.67 30.64
N GLU A 141 1.58 8.36 30.57
CA GLU A 141 2.79 7.52 30.67
C GLU A 141 2.61 6.37 29.72
N PHE A 142 3.41 6.27 28.67
CA PHE A 142 3.21 5.07 27.84
C PHE A 142 4.13 3.96 28.33
N GLN A 143 3.67 3.17 29.30
CA GLN A 143 4.34 1.93 29.77
C GLN A 143 5.83 2.15 30.06
N LYS A 144 6.16 2.82 31.17
CA LYS A 144 7.53 3.13 31.70
C LYS A 144 8.10 4.43 31.10
N ILE A 145 7.59 4.86 29.95
CA ILE A 145 8.03 6.14 29.35
C ILE A 145 7.09 7.22 29.91
N SER A 146 7.61 8.20 30.63
CA SER A 146 6.73 9.25 31.16
C SER A 146 6.61 10.36 30.11
N LEU A 147 5.45 10.99 30.00
CA LEU A 147 5.29 12.11 29.04
C LEU A 147 5.31 13.42 29.81
N ALA A 148 5.56 13.33 31.12
CA ALA A 148 5.69 14.52 31.96
C ALA A 148 6.82 15.39 31.43
N GLY A 149 6.65 16.71 31.55
CA GLY A 149 7.68 17.65 31.12
C GLY A 149 7.32 18.14 29.72
N PHE A 150 8.10 19.10 29.20
CA PHE A 150 7.70 19.87 28.03
C PHE A 150 8.93 20.42 27.33
N PRO A 151 8.98 20.36 25.98
CA PRO A 151 10.15 20.85 25.25
C PRO A 151 10.30 22.37 25.08
N GLY A 152 9.22 23.14 25.29
CA GLY A 152 9.26 24.55 24.91
C GLY A 152 8.76 24.73 23.47
N TYR A 153 8.11 25.88 23.17
CA TYR A 153 7.52 26.04 21.85
C TYR A 153 7.83 27.44 21.32
N ARG A 154 7.80 27.59 19.99
CA ARG A 154 7.82 28.92 19.40
C ARG A 154 6.79 28.99 18.25
N VAL A 155 5.99 30.06 18.25
CA VAL A 155 5.02 30.33 17.17
C VAL A 155 5.51 31.57 16.39
N GLU A 156 5.73 31.44 15.07
CA GLU A 156 6.32 32.50 14.27
C GLU A 156 5.36 32.96 13.18
N LEU A 157 5.33 34.27 12.94
CA LEU A 157 4.64 34.82 11.78
C LEU A 157 5.72 35.33 10.84
N LEU A 158 5.64 34.98 9.56
CA LEU A 158 6.69 35.26 8.62
C LEU A 158 6.14 36.07 7.45
N ALA A 159 7.06 36.75 6.78
CA ALA A 159 6.86 37.24 5.44
C ALA A 159 8.14 36.96 4.71
N GLY A 160 8.04 36.22 3.60
CA GLY A 160 9.25 35.69 2.99
C GLY A 160 9.95 34.79 4.00
N ASP A 161 11.25 35.02 4.25
CA ASP A 161 12.06 34.18 5.13
C ASP A 161 12.32 34.93 6.42
N THR A 162 11.58 36.04 6.60
CA THR A 162 11.76 36.91 7.75
C THR A 162 10.66 36.66 8.75
N VAL A 163 11.07 36.42 10.03
CA VAL A 163 10.21 36.36 11.18
C VAL A 163 9.85 37.77 11.64
N LEU A 164 8.59 38.16 11.39
CA LEU A 164 8.10 39.48 11.80
C LEU A 164 7.87 39.56 13.31
N ALA A 165 7.23 38.54 13.85
CA ALA A 165 6.83 38.52 15.23
C ALA A 165 6.78 37.07 15.66
N ALA A 166 7.11 36.81 16.92
CA ALA A 166 7.13 35.43 17.39
C ALA A 166 6.91 35.38 18.89
N ASP A 167 6.12 34.40 19.32
CA ASP A 167 6.01 34.03 20.71
C ASP A 167 6.99 32.87 21.00
N HIS A 168 8.13 33.19 21.63
CA HIS A 168 9.10 32.17 22.03
C HIS A 168 8.84 31.74 23.47
N ASN A 169 7.93 30.76 23.63
CA ASN A 169 7.82 29.96 24.85
C ASN A 169 7.35 30.77 26.05
N ASN A 170 6.37 31.67 25.84
CA ASN A 170 5.95 32.62 26.88
C ASN A 170 4.87 32.09 27.79
N LEU A 171 4.07 31.12 27.31
CA LEU A 171 3.02 30.56 28.15
C LEU A 171 3.58 29.40 28.97
N TYR A 172 3.08 29.23 30.19
CA TYR A 172 3.35 28.02 30.96
C TYR A 172 2.17 27.07 30.81
N ILE A 173 2.47 25.84 30.38
CA ILE A 173 1.45 24.85 30.02
C ILE A 173 1.73 23.56 30.78
N LYS A 174 0.79 23.15 31.61
CA LYS A 174 0.93 21.96 32.44
C LYS A 174 0.70 20.69 31.63
N ASP A 175 1.25 19.53 32.07
CA ASP A 175 1.01 18.26 31.39
C ASP A 175 -0.49 18.03 31.24
N GLY A 176 -0.94 17.68 30.05
CA GLY A 176 -2.35 17.31 29.89
C GLY A 176 -3.28 18.49 29.59
N GLU A 177 -2.70 19.68 29.33
CA GLU A 177 -3.53 20.85 29.10
C GLU A 177 -3.09 21.58 27.83
N PHE A 178 -3.97 22.46 27.34
CA PHE A 178 -3.69 23.34 26.22
C PHE A 178 -3.83 24.80 26.66
N LYS A 179 -3.07 25.70 26.02
CA LYS A 179 -3.28 27.14 26.15
C LYS A 179 -3.13 27.77 24.77
N THR A 180 -3.73 28.95 24.60
CA THR A 180 -3.74 29.67 23.33
C THR A 180 -2.58 30.67 23.32
N SER A 181 -1.74 30.60 22.28
CA SER A 181 -0.69 31.56 22.02
C SER A 181 -1.18 32.57 20.96
N THR A 182 -0.83 33.84 21.18
CA THR A 182 -1.22 34.92 20.28
C THR A 182 0.02 35.72 19.88
N VAL A 183 0.17 35.91 18.58
CA VAL A 183 1.22 36.73 18.00
C VAL A 183 0.52 37.78 17.15
N THR A 184 1.00 39.01 17.28
CA THR A 184 0.40 40.16 16.62
C THR A 184 1.50 40.99 15.94
N PHE A 185 1.19 41.58 14.79
CA PHE A 185 2.16 42.39 14.10
C PHE A 185 1.44 43.43 13.24
N THR A 186 1.90 44.69 13.32
CA THR A 186 1.38 45.74 12.43
C THR A 186 2.38 46.08 11.34
N ALA A 187 1.97 45.95 10.08
CA ALA A 187 2.80 46.28 8.94
C ALA A 187 2.52 47.71 8.48
N THR A 188 3.54 48.59 8.60
CA THR A 188 3.47 49.97 8.15
C THR A 188 3.86 50.07 6.66
N PRO A 189 3.54 51.20 5.98
CA PRO A 189 3.89 51.38 4.56
C PRO A 189 5.39 51.29 4.21
N ASP A 190 6.26 51.44 5.22
CA ASP A 190 7.69 51.51 4.99
C ASP A 190 8.36 50.16 5.27
N ASN A 191 7.56 49.12 5.51
CA ASN A 191 8.11 47.81 5.85
C ASN A 191 8.86 47.27 4.65
N PRO A 192 10.13 46.84 4.82
CA PRO A 192 10.93 46.31 3.72
C PRO A 192 10.36 45.04 3.06
N TYR A 193 9.32 44.43 3.66
CA TYR A 193 8.96 43.06 3.32
C TYR A 193 7.58 42.99 2.66
N LEU A 194 6.98 44.15 2.34
CA LEU A 194 5.64 44.15 1.76
C LEU A 194 5.63 43.33 0.48
N ASP A 195 4.45 42.76 0.17
CA ASP A 195 4.14 41.90 -0.97
C ASP A 195 4.90 40.58 -0.91
N GLN A 196 5.52 40.27 0.24
CA GLN A 196 6.07 38.95 0.42
C GLN A 196 4.97 38.02 0.99
N LYS A 197 5.07 36.74 0.65
CA LYS A 197 4.10 35.75 1.10
C LYS A 197 4.18 35.56 2.62
N LEU A 198 3.01 35.58 3.27
CA LEU A 198 2.90 35.33 4.68
C LEU A 198 3.20 33.86 4.96
N GLY A 199 3.61 33.57 6.20
CA GLY A 199 3.97 32.23 6.58
C GLY A 199 3.81 32.02 8.08
N ILE A 200 3.70 30.73 8.47
CA ILE A 200 3.47 30.33 9.84
C ILE A 200 4.46 29.20 10.15
N ARG A 201 5.09 29.25 11.35
CA ARG A 201 5.90 28.15 11.88
C ARG A 201 5.51 27.84 13.32
N LEU A 202 5.41 26.55 13.61
CA LEU A 202 5.04 26.04 14.91
C LEU A 202 6.18 25.11 15.34
N ILE A 203 6.94 25.50 16.36
CA ILE A 203 8.24 24.87 16.54
C ILE A 203 8.29 24.21 17.92
N ASN A 204 8.87 23.01 17.95
CA ASN A 204 9.31 22.32 19.15
C ASN A 204 10.74 22.76 19.40
N LEU A 205 11.01 23.35 20.59
CA LEU A 205 12.33 23.96 20.88
C LEU A 205 13.36 22.92 21.37
N LEU A 206 12.91 21.70 21.69
CA LEU A 206 13.82 20.68 22.23
C LEU A 206 14.70 21.25 23.36
N GLN A 207 14.05 21.86 24.37
CA GLN A 207 14.71 22.47 25.52
C GLN A 207 14.21 21.85 26.83
N GLY A 208 13.69 20.65 26.74
CA GLY A 208 13.23 19.89 27.90
C GLY A 208 12.78 18.53 27.40
N THR A 209 12.59 17.59 28.34
CA THR A 209 11.93 16.30 28.11
C THR A 209 10.78 16.16 29.11
N PHE A 210 9.73 15.41 28.79
CA PHE A 210 9.53 14.68 27.53
C PHE A 210 9.41 15.65 26.33
N SER A 211 9.99 15.29 25.17
CA SER A 211 10.19 16.23 24.07
C SER A 211 9.12 16.14 22.97
N GLY A 212 7.85 16.08 23.34
CA GLY A 212 6.80 16.25 22.35
C GLY A 212 5.84 17.35 22.76
N LEU A 213 5.20 17.98 21.78
CA LEU A 213 4.12 18.91 22.08
C LEU A 213 3.16 18.90 20.89
N ASP A 214 2.00 19.56 21.05
CA ASP A 214 0.90 19.51 20.11
C ASP A 214 0.46 20.94 19.80
N PHE A 215 -0.18 21.10 18.66
CA PHE A 215 -0.71 22.36 18.21
C PHE A 215 -2.10 22.10 17.67
N ASP A 216 -3.02 23.07 17.85
CA ASP A 216 -4.30 22.98 17.15
C ASP A 216 -4.78 24.36 16.73
N ASN A 217 -5.77 24.34 15.83
CA ASN A 217 -6.67 25.45 15.63
C ASN A 217 -5.90 26.72 15.32
N VAL A 218 -5.23 26.72 14.18
CA VAL A 218 -4.40 27.82 13.78
C VAL A 218 -5.30 28.81 13.03
N ARG A 219 -5.27 30.06 13.48
CA ARG A 219 -6.06 31.10 12.80
C ARG A 219 -5.29 32.43 12.73
N LEU A 220 -5.36 33.03 11.53
CA LEU A 220 -4.74 34.31 11.21
C LEU A 220 -5.78 35.27 10.60
N THR A 221 -5.94 36.43 11.24
CA THR A 221 -6.90 37.45 10.83
C THR A 221 -6.15 38.74 10.48
N VAL A 222 -6.76 39.55 9.60
CA VAL A 222 -6.25 40.85 9.22
C VAL A 222 -7.32 41.91 9.46
N GLU A 223 -6.85 43.13 9.70
CA GLU A 223 -7.56 44.18 10.39
C GLU A 223 -6.90 45.49 10.01
N PRO A 224 -7.62 46.47 9.37
CA PRO A 224 -7.07 47.82 9.20
C PRO A 224 -6.48 48.25 10.55
N ALA A 225 -5.27 48.81 10.50
CA ALA A 225 -4.52 49.14 11.71
C ALA A 225 -5.39 49.91 12.70
N SER B 27 11.36 -37.92 -2.24
CA SER B 27 10.97 -38.55 -0.93
C SER B 27 10.17 -37.57 -0.05
N VAL B 28 10.58 -36.28 -0.07
CA VAL B 28 10.18 -35.31 0.92
C VAL B 28 9.54 -34.10 0.22
N VAL B 29 8.22 -34.15 0.05
CA VAL B 29 7.48 -33.05 -0.52
C VAL B 29 7.27 -31.99 0.58
N SER B 30 7.34 -30.71 0.21
CA SER B 30 7.01 -29.70 1.19
C SER B 30 5.67 -29.09 0.85
N ILE B 31 4.92 -28.68 1.87
CA ILE B 31 3.57 -28.19 1.69
C ILE B 31 3.56 -26.67 1.58
N PRO B 32 2.92 -26.15 0.52
CA PRO B 32 2.75 -24.70 0.32
C PRO B 32 2.11 -23.96 1.48
N ILE B 33 2.77 -22.90 1.95
CA ILE B 33 2.23 -21.99 2.94
C ILE B 33 2.29 -20.57 2.38
N ASN B 34 1.21 -19.80 2.49
CA ASN B 34 1.20 -18.41 2.03
C ASN B 34 2.03 -17.54 2.97
N ASN B 35 2.85 -16.63 2.41
CA ASN B 35 3.62 -15.70 3.20
C ASN B 35 4.36 -16.42 4.35
N ALA B 36 5.01 -17.56 4.09
CA ALA B 36 5.67 -18.40 5.11
C ALA B 36 6.82 -17.69 5.83
N GLY B 37 7.42 -16.66 5.20
CA GLY B 37 8.56 -15.93 5.75
C GLY B 37 8.21 -14.47 6.06
N PHE B 38 6.90 -14.16 5.97
CA PHE B 38 6.35 -12.87 6.35
C PHE B 38 6.93 -11.78 5.47
N GLU B 39 7.30 -12.15 4.25
CA GLU B 39 8.00 -11.20 3.39
C GLU B 39 7.01 -10.20 2.77
N ASP B 40 5.72 -10.53 2.84
CA ASP B 40 4.70 -9.58 2.44
C ASP B 40 4.12 -8.93 3.69
N PRO B 41 4.11 -7.59 3.75
CA PRO B 41 4.59 -6.67 2.72
C PRO B 41 6.05 -6.24 2.89
N PHE B 42 6.63 -5.68 1.82
CA PHE B 42 7.95 -5.09 1.83
C PHE B 42 7.97 -3.89 2.78
N ILE B 43 9.07 -3.78 3.54
CA ILE B 43 9.25 -2.69 4.48
C ILE B 43 10.64 -2.10 4.24
N GLU B 44 10.69 -0.78 4.06
CA GLU B 44 11.93 -0.09 3.66
C GLU B 44 12.85 0.16 4.86
N VAL B 45 12.33 0.75 5.94
CA VAL B 45 13.16 1.35 6.98
C VAL B 45 13.45 0.33 8.10
N VAL B 46 14.68 0.36 8.64
CA VAL B 46 15.11 -0.64 9.60
C VAL B 46 14.32 -0.47 10.90
N ASP B 47 13.86 -1.62 11.44
CA ASP B 47 13.19 -1.75 12.72
C ASP B 47 11.73 -1.30 12.60
N ASP B 48 11.30 -0.97 11.39
CA ASP B 48 9.94 -0.56 11.16
C ASP B 48 9.06 -1.81 11.02
N TYR B 49 7.74 -1.65 11.08
CA TYR B 49 6.81 -2.77 11.23
C TYR B 49 5.40 -2.29 10.92
N THR B 50 4.54 -3.20 10.43
CA THR B 50 3.11 -2.96 10.41
C THR B 50 2.46 -3.49 11.70
N VAL B 51 1.22 -3.03 11.95
CA VAL B 51 0.42 -3.41 13.11
C VAL B 51 -0.84 -4.14 12.62
N ASP B 52 -0.86 -4.57 11.35
CA ASP B 52 -2.00 -5.30 10.80
C ASP B 52 -1.62 -6.75 10.52
N THR B 53 -2.60 -7.65 10.66
CA THR B 53 -2.38 -9.07 10.48
C THR B 53 -1.64 -9.29 9.17
N PRO B 54 -0.51 -10.04 9.16
CA PRO B 54 0.27 -10.27 7.93
C PRO B 54 -0.60 -10.92 6.88
N PRO B 55 -0.55 -10.45 5.60
CA PRO B 55 -1.28 -11.09 4.50
C PRO B 55 -1.14 -12.62 4.50
N GLY B 56 -2.26 -13.30 4.29
CA GLY B 56 -2.28 -14.75 4.18
C GLY B 56 -2.45 -15.48 5.51
N TRP B 57 -2.17 -14.77 6.65
CA TRP B 57 -2.45 -15.32 7.97
C TRP B 57 -3.74 -14.70 8.53
N THR B 58 -4.28 -15.32 9.60
CA THR B 58 -5.30 -14.71 10.44
C THR B 58 -4.79 -14.62 11.88
N THR B 59 -5.44 -13.77 12.66
CA THR B 59 -5.08 -13.60 14.05
C THR B 59 -5.78 -14.67 14.87
N TYR B 60 -5.00 -15.47 15.59
CA TYR B 60 -5.59 -16.43 16.50
C TYR B 60 -5.81 -15.72 17.82
N ASN B 61 -7.09 -15.66 18.25
CA ASN B 61 -7.52 -14.66 19.21
C ASN B 61 -8.53 -15.26 20.18
N PRO B 62 -8.26 -16.43 20.81
CA PRO B 62 -9.26 -17.09 21.66
C PRO B 62 -9.65 -16.24 22.86
N ASN B 63 -8.76 -15.37 23.37
CA ASN B 63 -9.05 -14.61 24.58
C ASN B 63 -9.39 -13.14 24.31
N ASN B 64 -9.60 -12.78 23.04
CA ASN B 64 -9.92 -11.42 22.63
C ASN B 64 -8.89 -10.38 23.06
N LEU B 65 -7.62 -10.78 23.23
CA LEU B 65 -6.59 -9.83 23.67
C LEU B 65 -6.22 -8.82 22.57
N VAL B 66 -6.51 -9.11 21.29
CA VAL B 66 -6.00 -8.28 20.21
C VAL B 66 -7.18 -7.62 19.51
N PRO B 67 -7.25 -6.27 19.51
CA PRO B 67 -8.43 -5.59 18.98
C PRO B 67 -8.40 -5.67 17.47
N GLU B 68 -9.55 -5.45 16.85
CA GLU B 68 -9.70 -5.50 15.40
C GLU B 68 -8.94 -4.33 14.77
N LYS B 69 -8.89 -3.21 15.50
CA LYS B 69 -8.23 -2.01 15.03
C LYS B 69 -7.05 -1.72 15.94
N ARG B 70 -5.84 -1.70 15.36
CA ARG B 70 -4.62 -1.70 16.18
C ARG B 70 -3.94 -0.34 16.12
N THR B 71 -3.25 -0.01 17.21
CA THR B 71 -2.37 1.15 17.28
C THR B 71 -1.20 0.72 18.15
N THR B 72 -0.20 1.59 18.28
CA THR B 72 1.00 1.25 19.02
C THR B 72 0.74 1.14 20.52
N TRP B 73 -0.37 1.65 21.02
CA TRP B 73 -0.54 1.51 22.46
C TRP B 73 -0.97 0.07 22.76
N THR B 74 -1.84 -0.48 21.88
CA THR B 74 -2.59 -1.71 22.06
C THR B 74 -1.76 -2.98 21.73
N SER B 75 -2.30 -4.14 22.14
CA SER B 75 -1.90 -5.43 21.61
C SER B 75 -1.98 -5.42 20.09
N ASN B 76 -0.97 -6.04 19.44
CA ASN B 76 -0.95 -6.05 17.99
C ASN B 76 -0.11 -7.24 17.48
N ASN B 77 -0.29 -7.54 16.20
CA ASN B 77 0.64 -8.37 15.49
C ASN B 77 0.87 -7.78 14.10
N GLY B 78 1.91 -8.27 13.42
CA GLY B 78 2.22 -7.82 12.07
C GLY B 78 3.57 -8.33 11.62
N VAL B 79 4.18 -7.56 10.72
CA VAL B 79 5.41 -7.88 10.05
C VAL B 79 6.43 -6.80 10.45
N GLY B 80 7.70 -7.18 10.60
CA GLY B 80 8.76 -6.26 10.97
C GLY B 80 10.06 -6.55 10.19
N TYR B 81 10.81 -5.49 9.82
CA TYR B 81 12.02 -5.66 9.03
C TYR B 81 13.23 -5.73 9.97
N VAL B 82 14.01 -6.82 9.85
CA VAL B 82 15.20 -7.01 10.66
C VAL B 82 16.39 -7.05 9.70
N GLY B 83 17.10 -5.94 9.62
CA GLY B 83 18.26 -5.77 8.75
C GLY B 83 19.38 -5.00 9.43
N PRO B 84 20.47 -4.70 8.71
CA PRO B 84 21.65 -4.08 9.33
C PRO B 84 21.19 -2.78 9.97
N GLY B 85 21.65 -2.54 11.21
CA GLY B 85 21.18 -1.41 12.00
C GLY B 85 20.23 -1.79 13.15
N THR B 86 19.79 -3.06 13.21
CA THR B 86 18.72 -3.45 14.13
C THR B 86 19.17 -3.42 15.60
N GLN B 87 18.30 -2.80 16.41
CA GLN B 87 18.46 -2.62 17.84
C GLN B 87 18.00 -3.86 18.59
N PHE B 88 17.20 -4.73 17.93
CA PHE B 88 16.44 -5.79 18.57
C PHE B 88 17.14 -7.13 18.49
N TYR B 89 18.14 -7.25 17.62
CA TYR B 89 18.72 -8.55 17.39
C TYR B 89 20.24 -8.48 17.37
N ASN B 90 20.87 -9.64 17.60
CA ASN B 90 22.29 -9.77 17.37
C ASN B 90 22.49 -10.44 16.03
N GLN B 91 21.43 -10.51 15.20
CA GLN B 91 21.52 -11.14 13.90
C GLN B 91 20.41 -10.60 13.01
N LEU B 92 20.51 -10.89 11.71
CA LEU B 92 19.48 -10.47 10.78
C LEU B 92 18.33 -11.49 10.82
N ALA B 93 17.29 -11.24 10.01
CA ALA B 93 16.15 -12.12 9.90
C ALA B 93 16.64 -13.52 9.57
N PRO B 94 16.09 -14.60 10.16
CA PRO B 94 16.42 -15.96 9.72
C PRO B 94 16.27 -16.16 8.21
N GLU B 95 15.31 -15.47 7.60
CA GLU B 95 15.06 -15.63 6.18
C GLU B 95 14.55 -14.29 5.64
N GLY B 96 15.10 -13.85 4.49
CA GLY B 96 14.63 -12.64 3.82
C GLY B 96 14.91 -11.39 4.65
N ARG B 97 14.02 -10.40 4.53
CA ARG B 97 14.12 -9.15 5.27
C ARG B 97 13.31 -9.17 6.59
N ASN B 98 12.16 -9.88 6.61
CA ASN B 98 11.09 -9.69 7.62
C ASN B 98 10.92 -10.88 8.59
N ILE B 99 10.34 -10.57 9.76
CA ILE B 99 9.79 -11.55 10.65
C ILE B 99 8.32 -11.20 10.87
N GLY B 100 7.54 -12.13 11.41
CA GLY B 100 6.23 -11.83 11.97
C GLY B 100 6.29 -11.75 13.49
N TYR B 101 5.58 -10.76 14.10
CA TYR B 101 5.63 -10.61 15.55
C TYR B 101 4.22 -10.56 16.17
N ILE B 102 4.15 -10.86 17.48
CA ILE B 102 2.93 -10.73 18.25
C ILE B 102 3.34 -10.01 19.53
N TYR B 103 2.63 -8.92 19.81
CA TYR B 103 2.87 -8.14 21.01
C TYR B 103 1.59 -8.05 21.83
N LEU B 104 1.68 -8.42 23.10
CA LEU B 104 0.47 -8.38 23.94
C LEU B 104 0.71 -7.47 25.14
N ALA B 105 -0.16 -6.44 25.28
CA ALA B 105 -0.04 -5.42 26.33
C ALA B 105 -0.58 -5.89 27.69
N GLN B 106 -1.61 -6.74 27.69
CA GLN B 106 -2.18 -7.27 28.91
C GLN B 106 -1.08 -7.97 29.72
N LYS B 107 -1.32 -8.15 31.02
CA LYS B 107 -0.33 -8.69 31.95
C LYS B 107 -0.28 -10.23 31.86
N PRO B 108 0.82 -10.87 32.28
CA PRO B 108 0.96 -12.32 32.17
C PRO B 108 -0.24 -13.02 32.80
N GLY B 109 -0.64 -14.15 32.20
CA GLY B 109 -1.78 -14.91 32.67
C GLY B 109 -3.11 -14.50 32.04
N SER B 110 -3.17 -13.42 31.23
CA SER B 110 -4.45 -12.92 30.71
C SER B 110 -4.99 -13.77 29.55
N GLY B 111 -4.17 -14.68 28.99
CA GLY B 111 -4.60 -15.47 27.84
C GLY B 111 -3.50 -15.64 26.79
N VAL B 112 -3.90 -15.94 25.53
CA VAL B 112 -2.91 -16.15 24.47
C VAL B 112 -3.43 -15.52 23.19
N ALA B 113 -2.51 -15.28 22.22
CA ALA B 113 -2.87 -14.96 20.83
C ALA B 113 -1.71 -15.29 19.90
N GLY B 114 -2.03 -15.33 18.61
CA GLY B 114 -0.99 -15.55 17.61
C GLY B 114 -1.48 -15.48 16.18
N PHE B 115 -0.77 -16.21 15.32
CA PHE B 115 -1.06 -16.35 13.91
C PHE B 115 -1.57 -17.76 13.67
N GLU B 116 -2.48 -17.86 12.71
CA GLU B 116 -3.03 -19.13 12.30
C GLU B 116 -3.15 -19.10 10.78
N GLN B 117 -2.93 -20.23 10.15
CA GLN B 117 -3.20 -20.36 8.74
C GLN B 117 -3.68 -21.77 8.46
N ILE B 118 -4.82 -21.82 7.79
CA ILE B 118 -5.39 -23.06 7.27
C ILE B 118 -4.83 -23.24 5.86
N LEU B 119 -4.31 -24.45 5.61
CA LEU B 119 -3.62 -24.78 4.37
C LEU B 119 -4.59 -25.52 3.46
N ASP B 120 -4.16 -25.65 2.18
CA ASP B 120 -4.82 -26.43 1.14
C ASP B 120 -4.73 -27.92 1.43
N ALA B 121 -3.52 -28.42 1.75
CA ALA B 121 -3.30 -29.83 2.04
C ALA B 121 -4.26 -30.34 3.14
N THR B 122 -4.60 -31.66 3.10
CA THR B 122 -5.48 -32.31 4.05
C THR B 122 -4.71 -33.45 4.71
N LEU B 123 -5.13 -33.87 5.89
CA LEU B 123 -4.32 -34.88 6.57
C LEU B 123 -4.42 -36.20 5.79
N GLU B 124 -3.29 -36.85 5.55
CA GLU B 124 -3.23 -38.06 4.74
C GLU B 124 -2.62 -39.18 5.58
N PRO B 125 -3.11 -40.43 5.42
CA PRO B 125 -2.57 -41.56 6.19
C PRO B 125 -1.16 -41.94 5.76
N ASP B 126 -0.39 -42.50 6.70
CA ASP B 126 0.91 -43.14 6.42
C ASP B 126 2.00 -42.12 6.10
N THR B 127 1.83 -40.92 6.68
CA THR B 127 2.73 -39.79 6.41
C THR B 127 3.28 -39.29 7.72
N LYS B 128 4.55 -38.89 7.69
CA LYS B 128 5.16 -38.13 8.76
C LYS B 128 5.24 -36.66 8.35
N TYR B 129 4.75 -35.77 9.23
CA TYR B 129 4.78 -34.33 9.00
C TYR B 129 5.84 -33.71 9.89
N THR B 130 6.67 -32.83 9.30
CA THR B 130 7.65 -32.06 10.07
C THR B 130 7.36 -30.57 9.87
N LEU B 131 7.01 -29.88 10.95
CA LEU B 131 6.80 -28.44 10.89
C LEU B 131 7.99 -27.80 11.61
N LYS B 132 8.67 -26.87 10.91
CA LYS B 132 9.73 -26.10 11.54
C LYS B 132 9.44 -24.61 11.40
N VAL B 133 9.86 -23.87 12.41
CA VAL B 133 9.75 -22.42 12.39
C VAL B 133 10.78 -21.83 13.34
N ASP B 134 11.25 -20.66 12.97
CA ASP B 134 12.20 -19.94 13.79
C ASP B 134 11.43 -19.02 14.72
N VAL B 135 11.85 -19.04 15.99
CA VAL B 135 11.22 -18.24 17.02
C VAL B 135 12.25 -17.23 17.53
N GLY B 136 11.84 -15.96 17.58
CA GLY B 136 12.72 -14.87 17.97
C GLY B 136 12.30 -14.24 19.30
N ASN B 137 13.30 -14.07 20.18
CA ASN B 137 13.17 -13.28 21.38
C ASN B 137 13.83 -11.92 21.14
N PHE B 138 13.07 -10.90 20.75
CA PHE B 138 13.77 -9.63 20.50
C PHE B 138 14.12 -8.89 21.80
N GLY B 139 15.31 -8.28 21.79
CA GLY B 139 15.90 -7.56 22.93
C GLY B 139 16.12 -6.07 22.63
N GLY B 140 17.07 -5.48 23.38
CA GLY B 140 17.33 -4.06 23.31
C GLY B 140 16.36 -3.25 24.16
N GLU B 141 15.98 -2.06 23.65
CA GLU B 141 15.13 -1.16 24.40
C GLU B 141 14.51 -0.13 23.48
N PHE B 142 13.36 0.37 23.90
CA PHE B 142 12.87 1.65 23.43
C PHE B 142 12.86 2.62 24.61
N GLN B 143 13.87 3.51 24.64
CA GLN B 143 14.05 4.49 25.69
C GLN B 143 14.13 3.76 27.03
N LYS B 144 13.06 3.83 27.83
CA LYS B 144 13.08 3.31 29.19
C LYS B 144 12.36 1.96 29.30
N ILE B 145 11.66 1.52 28.23
CA ILE B 145 11.07 0.18 28.17
C ILE B 145 12.16 -0.82 27.75
N SER B 146 12.51 -1.73 28.66
CA SER B 146 13.39 -2.83 28.33
C SER B 146 12.59 -3.89 27.56
N LEU B 147 13.17 -4.45 26.49
CA LEU B 147 12.53 -5.56 25.82
C LEU B 147 13.10 -6.91 26.31
N ALA B 148 13.90 -6.88 27.39
CA ALA B 148 14.41 -8.10 28.04
C ALA B 148 13.25 -8.98 28.48
N GLY B 149 13.50 -10.29 28.52
CA GLY B 149 12.46 -11.27 28.82
C GLY B 149 11.66 -11.67 27.57
N PHE B 150 10.67 -12.56 27.77
CA PHE B 150 10.13 -13.42 26.74
C PHE B 150 8.81 -13.98 27.23
N PRO B 151 7.72 -13.97 26.42
CA PRO B 151 6.44 -14.43 26.91
C PRO B 151 6.21 -15.94 26.92
N GLY B 152 7.09 -16.68 26.25
CA GLY B 152 6.89 -18.08 25.88
C GLY B 152 6.13 -18.22 24.55
N TYR B 153 6.29 -19.37 23.88
CA TYR B 153 5.70 -19.63 22.56
C TYR B 153 5.07 -21.03 22.55
N ARG B 154 4.08 -21.22 21.68
CA ARG B 154 3.66 -22.55 21.29
C ARG B 154 3.48 -22.56 19.78
N VAL B 155 4.04 -23.59 19.15
CA VAL B 155 3.86 -23.90 17.75
C VAL B 155 3.04 -25.17 17.67
N GLU B 156 1.95 -25.10 16.87
CA GLU B 156 0.95 -26.16 16.78
C GLU B 156 0.73 -26.56 15.31
N LEU B 157 0.61 -27.87 15.12
CA LEU B 157 0.13 -28.43 13.86
C LEU B 157 -1.31 -28.98 14.05
N LEU B 158 -2.24 -28.60 13.15
CA LEU B 158 -3.67 -28.84 13.29
C LEU B 158 -4.18 -29.72 12.15
N ALA B 159 -5.22 -30.51 12.45
CA ALA B 159 -6.09 -30.98 11.39
C ALA B 159 -7.49 -30.54 11.77
N GLY B 160 -8.19 -29.86 10.85
CA GLY B 160 -9.44 -29.22 11.24
C GLY B 160 -9.25 -28.34 12.48
N ASP B 161 -9.91 -28.67 13.60
CA ASP B 161 -9.83 -27.87 14.82
C ASP B 161 -8.99 -28.56 15.91
N THR B 162 -8.27 -29.62 15.53
CA THR B 162 -7.61 -30.51 16.48
C THR B 162 -6.11 -30.29 16.40
N VAL B 163 -5.52 -30.07 17.54
CA VAL B 163 -4.09 -29.93 17.64
C VAL B 163 -3.52 -31.34 17.65
N LEU B 164 -2.84 -31.72 16.57
CA LEU B 164 -2.25 -33.04 16.41
C LEU B 164 -0.97 -33.15 17.23
N ALA B 165 -0.14 -32.11 17.17
CA ALA B 165 1.16 -32.06 17.81
C ALA B 165 1.56 -30.59 18.03
N ALA B 166 2.29 -30.35 19.13
CA ALA B 166 2.68 -28.97 19.45
C ALA B 166 3.96 -28.98 20.29
N ASP B 167 4.87 -28.04 19.97
CA ASP B 167 5.99 -27.64 20.80
C ASP B 167 5.53 -26.45 21.66
N HIS B 168 5.29 -26.70 22.95
CA HIS B 168 4.90 -25.67 23.90
C HIS B 168 6.15 -25.25 24.66
N ASN B 169 6.90 -24.29 24.08
CA ASN B 169 7.87 -23.51 24.82
C ASN B 169 9.07 -24.36 25.27
N ASN B 170 9.55 -25.28 24.43
CA ASN B 170 10.59 -26.19 24.86
C ASN B 170 11.98 -25.57 24.73
N LEU B 171 12.16 -24.64 23.79
CA LEU B 171 13.49 -24.10 23.51
C LEU B 171 13.81 -22.93 24.41
N TYR B 172 15.06 -22.83 24.87
CA TYR B 172 15.49 -21.61 25.58
C TYR B 172 16.02 -20.59 24.57
N ILE B 173 15.40 -19.38 24.51
CA ILE B 173 15.78 -18.39 23.51
C ILE B 173 16.25 -17.11 24.18
N LYS B 174 17.51 -16.74 23.95
CA LYS B 174 18.09 -15.58 24.62
C LYS B 174 17.58 -14.29 23.97
N ASP B 175 17.69 -13.19 24.73
CA ASP B 175 17.46 -11.86 24.21
C ASP B 175 18.39 -11.63 23.01
N GLY B 176 17.77 -11.29 21.86
CA GLY B 176 18.50 -10.95 20.65
C GLY B 176 18.67 -12.09 19.64
N GLU B 177 18.17 -13.31 19.95
CA GLU B 177 18.47 -14.52 19.17
C GLU B 177 17.20 -15.16 18.62
N PHE B 178 17.42 -16.12 17.72
CA PHE B 178 16.39 -17.00 17.18
C PHE B 178 16.84 -18.44 17.37
N LYS B 179 15.88 -19.35 17.57
CA LYS B 179 16.11 -20.78 17.55
C LYS B 179 14.99 -21.43 16.73
N THR B 180 15.27 -22.61 16.12
CA THR B 180 14.30 -23.34 15.32
C THR B 180 13.58 -24.36 16.17
N SER B 181 12.24 -24.28 16.13
CA SER B 181 11.36 -25.24 16.75
C SER B 181 10.96 -26.28 15.71
N THR B 182 10.91 -27.56 16.14
CA THR B 182 10.46 -28.68 15.30
C THR B 182 9.25 -29.38 15.97
N VAL B 183 8.18 -29.56 15.20
CA VAL B 183 7.01 -30.33 15.58
C VAL B 183 6.82 -31.42 14.53
N THR B 184 6.61 -32.67 14.98
CA THR B 184 6.46 -33.83 14.08
C THR B 184 5.20 -34.59 14.43
N PHE B 185 4.58 -35.17 13.41
CA PHE B 185 3.37 -35.94 13.61
C PHE B 185 3.27 -37.06 12.58
N THR B 186 2.89 -38.26 13.03
CA THR B 186 2.68 -39.36 12.11
C THR B 186 1.19 -39.73 12.06
N ALA B 187 0.57 -39.61 10.89
CA ALA B 187 -0.84 -39.96 10.73
C ALA B 187 -0.97 -41.44 10.32
N THR B 188 -1.58 -42.26 11.19
CA THR B 188 -1.86 -43.67 10.88
C THR B 188 -3.14 -43.74 10.02
N PRO B 189 -3.50 -44.92 9.43
CA PRO B 189 -4.78 -45.04 8.71
C PRO B 189 -6.06 -44.99 9.56
N ASP B 190 -5.96 -45.22 10.86
CA ASP B 190 -7.15 -45.16 11.70
C ASP B 190 -7.33 -43.79 12.39
N ASN B 191 -6.37 -42.85 12.18
CA ASN B 191 -6.52 -41.47 12.64
C ASN B 191 -7.91 -40.94 12.30
N PRO B 192 -8.66 -40.42 13.31
CA PRO B 192 -10.04 -39.97 13.09
C PRO B 192 -10.17 -38.73 12.21
N TYR B 193 -9.05 -38.07 11.86
CA TYR B 193 -9.10 -36.71 11.31
C TYR B 193 -8.50 -36.66 9.91
N LEU B 194 -8.43 -37.80 9.24
CA LEU B 194 -7.97 -37.85 7.85
C LEU B 194 -8.93 -37.03 7.01
N ASP B 195 -8.36 -36.40 5.97
CA ASP B 195 -9.06 -35.59 4.98
C ASP B 195 -9.52 -34.23 5.53
N GLN B 196 -9.18 -33.91 6.79
CA GLN B 196 -9.40 -32.55 7.30
C GLN B 196 -8.21 -31.66 6.90
N LYS B 197 -8.51 -30.35 6.71
CA LYS B 197 -7.51 -29.37 6.30
C LYS B 197 -6.42 -29.28 7.36
N LEU B 198 -5.16 -29.34 6.92
CA LEU B 198 -4.03 -29.01 7.78
C LEU B 198 -4.07 -27.52 8.16
N GLY B 199 -3.41 -27.21 9.28
CA GLY B 199 -3.33 -25.84 9.79
C GLY B 199 -2.10 -25.65 10.64
N ILE B 200 -1.62 -24.40 10.74
CA ILE B 200 -0.51 -24.09 11.61
C ILE B 200 -0.94 -22.96 12.53
N ARG B 201 -0.47 -23.02 13.80
CA ARG B 201 -0.63 -21.89 14.71
C ARG B 201 0.68 -21.51 15.36
N LEU B 202 0.90 -20.18 15.42
CA LEU B 202 2.08 -19.63 16.05
C LEU B 202 1.59 -18.71 17.17
N ILE B 203 1.97 -19.05 18.41
CA ILE B 203 1.27 -18.53 19.59
C ILE B 203 2.24 -17.85 20.55
N ASN B 204 1.84 -16.62 20.97
CA ASN B 204 2.41 -15.88 22.11
C ASN B 204 1.66 -16.31 23.37
N LEU B 205 2.40 -16.91 24.34
CA LEU B 205 1.80 -17.56 25.49
C LEU B 205 1.48 -16.54 26.59
N LEU B 206 2.09 -15.35 26.51
CA LEU B 206 1.89 -14.29 27.52
C LEU B 206 2.12 -14.87 28.94
N GLN B 207 3.26 -15.53 29.12
CA GLN B 207 3.63 -16.13 30.38
C GLN B 207 4.91 -15.50 30.90
N GLY B 208 5.15 -14.24 30.51
CA GLY B 208 6.34 -13.46 30.87
C GLY B 208 6.33 -12.09 30.19
N THR B 209 7.20 -11.17 30.66
CA THR B 209 7.45 -9.93 29.94
C THR B 209 8.95 -9.81 29.79
N PHE B 210 9.41 -9.07 28.76
CA PHE B 210 8.58 -8.35 27.81
C PHE B 210 7.73 -9.32 26.96
N SER B 211 6.45 -8.99 26.76
CA SER B 211 5.42 -9.84 26.17
C SER B 211 5.39 -9.79 24.64
N GLY B 212 6.55 -9.78 24.00
CA GLY B 212 6.55 -9.82 22.54
C GLY B 212 7.50 -10.88 22.00
N LEU B 213 7.10 -11.51 20.87
CA LEU B 213 8.03 -12.40 20.18
C LEU B 213 7.78 -12.45 18.68
N ASP B 214 8.76 -13.06 17.99
CA ASP B 214 8.90 -13.06 16.56
C ASP B 214 8.90 -14.50 16.02
N PHE B 215 8.46 -14.65 14.76
CA PHE B 215 8.48 -15.91 14.06
C PHE B 215 8.95 -15.66 12.63
N ASP B 216 9.73 -16.61 12.09
CA ASP B 216 10.13 -16.57 10.69
C ASP B 216 10.25 -17.99 10.13
N ASN B 217 10.14 -18.09 8.79
CA ASN B 217 10.58 -19.23 8.00
C ASN B 217 9.78 -20.46 8.35
N VAL B 218 8.47 -20.38 8.15
CA VAL B 218 7.62 -21.52 8.41
C VAL B 218 7.75 -22.49 7.25
N ARG B 219 8.08 -23.75 7.58
CA ARG B 219 8.29 -24.85 6.65
C ARG B 219 7.49 -26.07 7.15
N LEU B 220 6.68 -26.66 6.25
CA LEU B 220 5.98 -27.91 6.54
C LEU B 220 6.32 -28.94 5.47
N THR B 221 6.88 -30.06 5.91
CA THR B 221 7.15 -31.13 4.97
C THR B 221 6.50 -32.43 5.42
N VAL B 222 6.38 -33.25 4.42
CA VAL B 222 5.65 -34.49 4.42
C VAL B 222 6.62 -35.55 3.85
N GLU B 223 6.68 -36.70 4.49
CA GLU B 223 7.42 -37.84 3.95
C GLU B 223 6.71 -39.16 4.34
N PRO B 224 6.83 -40.19 3.48
CA PRO B 224 6.51 -41.57 3.88
C PRO B 224 6.93 -41.99 5.31
N ALA B 225 6.01 -42.60 6.05
CA ALA B 225 6.14 -42.70 7.49
C ALA B 225 7.15 -43.75 7.89
N VAL C 28 -21.32 -17.76 6.17
CA VAL C 28 -21.49 -16.32 5.76
C VAL C 28 -20.15 -15.79 5.20
N VAL C 29 -19.85 -16.19 3.97
CA VAL C 29 -18.59 -15.89 3.29
C VAL C 29 -18.71 -14.49 2.65
N SER C 30 -17.55 -13.94 2.19
CA SER C 30 -17.45 -12.73 1.37
C SER C 30 -16.87 -13.11 0.03
N ILE C 31 -17.55 -12.69 -1.03
CA ILE C 31 -17.04 -12.81 -2.39
C ILE C 31 -16.05 -11.66 -2.61
N PRO C 32 -14.75 -11.94 -2.93
CA PRO C 32 -13.80 -10.89 -3.25
C PRO C 32 -14.26 -10.03 -4.42
N ILE C 33 -14.17 -8.70 -4.25
CA ILE C 33 -14.35 -7.72 -5.31
C ILE C 33 -13.09 -6.88 -5.37
N ASN C 34 -12.64 -6.58 -6.59
CA ASN C 34 -11.49 -5.70 -6.82
C ASN C 34 -11.88 -4.24 -6.56
N ASN C 35 -11.02 -3.53 -5.77
CA ASN C 35 -11.14 -2.08 -5.58
C ASN C 35 -12.59 -1.75 -5.23
N ALA C 36 -13.11 -2.42 -4.19
CA ALA C 36 -14.51 -2.49 -3.81
C ALA C 36 -14.94 -1.21 -3.09
N GLY C 37 -13.95 -0.49 -2.50
CA GLY C 37 -14.15 0.78 -1.84
C GLY C 37 -13.56 1.96 -2.61
N PHE C 38 -13.12 1.72 -3.84
CA PHE C 38 -12.55 2.77 -4.69
C PHE C 38 -11.27 3.36 -4.05
N GLU C 39 -10.58 2.60 -3.19
CA GLU C 39 -9.40 3.12 -2.51
C GLU C 39 -8.21 3.33 -3.46
N ASP C 40 -8.34 2.97 -4.74
CA ASP C 40 -7.25 3.02 -5.70
C ASP C 40 -7.72 3.73 -6.98
N PRO C 41 -6.98 4.76 -7.46
CA PRO C 41 -5.67 5.20 -6.97
C PRO C 41 -5.77 6.12 -5.77
N PHE C 42 -4.64 6.20 -5.04
CA PHE C 42 -4.54 7.03 -3.87
C PHE C 42 -4.74 8.50 -4.28
N ILE C 43 -5.58 9.25 -3.56
CA ILE C 43 -5.78 10.67 -3.88
C ILE C 43 -5.34 11.50 -2.68
N GLU C 44 -4.40 12.43 -2.91
CA GLU C 44 -3.73 13.20 -1.86
C GLU C 44 -4.62 14.33 -1.31
N VAL C 45 -5.19 15.16 -2.19
CA VAL C 45 -5.80 16.42 -1.81
C VAL C 45 -7.32 16.26 -1.69
N VAL C 46 -7.87 16.77 -0.58
CA VAL C 46 -9.29 16.74 -0.32
C VAL C 46 -10.06 17.32 -1.51
N ASP C 47 -11.12 16.61 -1.93
CA ASP C 47 -12.01 16.98 -3.04
C ASP C 47 -11.32 16.87 -4.40
N ASP C 48 -10.08 16.40 -4.46
CA ASP C 48 -9.48 16.10 -5.74
C ASP C 48 -9.98 14.72 -6.22
N TYR C 49 -9.82 14.46 -7.53
CA TYR C 49 -10.49 13.35 -8.16
C TYR C 49 -9.77 12.99 -9.47
N THR C 50 -10.12 11.82 -10.05
CA THR C 50 -9.70 11.41 -11.38
C THR C 50 -10.92 11.42 -12.29
N VAL C 51 -10.67 11.38 -13.61
CA VAL C 51 -11.74 11.34 -14.61
C VAL C 51 -11.61 10.06 -15.43
N ASP C 52 -10.84 9.10 -14.92
CA ASP C 52 -10.67 7.81 -15.58
C ASP C 52 -11.31 6.69 -14.76
N THR C 53 -11.86 5.70 -15.49
CA THR C 53 -12.47 4.50 -14.93
C THR C 53 -11.58 3.96 -13.81
N PRO C 54 -12.08 3.81 -12.59
CA PRO C 54 -11.24 3.31 -11.49
C PRO C 54 -10.63 1.96 -11.87
N PRO C 55 -9.39 1.68 -11.46
CA PRO C 55 -8.81 0.34 -11.62
C PRO C 55 -9.69 -0.78 -11.04
N GLY C 56 -9.90 -1.85 -11.81
CA GLY C 56 -10.65 -3.03 -11.37
C GLY C 56 -12.11 -3.04 -11.90
N TRP C 57 -12.53 -1.90 -12.49
CA TRP C 57 -13.90 -1.66 -12.88
C TRP C 57 -13.89 -1.34 -14.36
N THR C 58 -15.02 -1.52 -15.03
CA THR C 58 -15.22 -1.09 -16.41
C THR C 58 -16.30 -0.02 -16.43
N THR C 59 -16.37 0.74 -17.52
CA THR C 59 -17.37 1.77 -17.71
C THR C 59 -18.54 1.08 -18.39
N TYR C 60 -19.66 0.98 -17.68
CA TYR C 60 -20.88 0.52 -18.32
C TYR C 60 -21.45 1.67 -19.14
N ASN C 61 -21.66 1.45 -20.44
CA ASN C 61 -21.88 2.56 -21.34
C ASN C 61 -22.86 2.20 -22.45
N PRO C 62 -24.07 1.64 -22.15
CA PRO C 62 -24.94 1.10 -23.21
C PRO C 62 -25.55 2.16 -24.14
N ASN C 63 -25.43 3.44 -23.77
CA ASN C 63 -26.03 4.50 -24.59
C ASN C 63 -24.93 5.40 -25.13
N ASN C 64 -23.65 5.01 -24.92
CA ASN C 64 -22.53 5.79 -25.45
C ASN C 64 -22.45 7.21 -24.87
N LEU C 65 -22.92 7.43 -23.63
CA LEU C 65 -22.94 8.78 -23.09
C LEU C 65 -21.54 9.22 -22.65
N VAL C 66 -20.70 8.28 -22.21
CA VAL C 66 -19.41 8.64 -21.62
C VAL C 66 -18.31 8.48 -22.67
N PRO C 67 -17.50 9.52 -23.01
CA PRO C 67 -16.48 9.37 -24.07
C PRO C 67 -15.25 8.59 -23.60
N GLU C 68 -14.50 8.07 -24.58
CA GLU C 68 -13.27 7.34 -24.32
C GLU C 68 -12.28 8.25 -23.58
N LYS C 69 -12.14 9.51 -24.06
CA LYS C 69 -11.24 10.50 -23.47
C LYS C 69 -12.04 11.50 -22.66
N ARG C 70 -11.71 11.63 -21.36
CA ARG C 70 -12.47 12.47 -20.43
C ARG C 70 -11.66 13.68 -19.89
N THR C 71 -12.33 14.83 -19.74
CA THR C 71 -11.82 15.93 -18.92
C THR C 71 -12.89 16.34 -17.92
N THR C 72 -12.50 17.22 -16.97
CA THR C 72 -13.49 17.88 -16.15
C THR C 72 -14.62 18.42 -17.06
N TRP C 73 -15.89 18.17 -16.66
CA TRP C 73 -17.11 18.68 -17.32
C TRP C 73 -17.53 17.84 -18.53
N THR C 74 -16.73 16.84 -18.94
CA THR C 74 -17.31 15.82 -19.81
C THR C 74 -18.08 14.81 -18.96
N SER C 75 -19.11 14.20 -19.53
CA SER C 75 -19.62 12.98 -18.90
C SER C 75 -18.41 12.14 -18.54
N ASN C 76 -18.39 11.60 -17.31
CA ASN C 76 -17.17 10.90 -16.95
C ASN C 76 -17.45 10.11 -15.68
N ASN C 77 -16.45 9.35 -15.25
CA ASN C 77 -16.48 8.72 -13.94
C ASN C 77 -15.04 8.59 -13.45
N GLY C 78 -14.87 8.11 -12.22
CA GLY C 78 -13.57 8.23 -11.58
C GLY C 78 -13.69 8.10 -10.08
N VAL C 79 -12.60 8.38 -9.36
CA VAL C 79 -12.65 8.33 -7.90
C VAL C 79 -12.36 9.73 -7.35
N GLY C 80 -12.71 9.95 -6.10
CA GLY C 80 -12.50 11.23 -5.47
C GLY C 80 -12.32 11.06 -3.97
N TYR C 81 -11.46 11.91 -3.37
CA TYR C 81 -11.18 11.87 -1.94
C TYR C 81 -12.21 12.74 -1.22
N VAL C 82 -13.03 12.09 -0.36
CA VAL C 82 -13.93 12.78 0.54
C VAL C 82 -13.29 12.73 1.93
N GLY C 83 -12.51 13.78 2.23
CA GLY C 83 -11.80 13.91 3.49
C GLY C 83 -12.34 15.07 4.30
N PRO C 84 -11.86 15.25 5.56
CA PRO C 84 -12.35 16.32 6.45
C PRO C 84 -12.27 17.66 5.74
N GLY C 85 -13.33 18.45 5.81
CA GLY C 85 -13.32 19.71 5.09
C GLY C 85 -13.95 19.61 3.70
N THR C 86 -14.39 18.39 3.30
CA THR C 86 -15.06 18.22 2.02
C THR C 86 -16.19 19.25 1.87
N GLN C 87 -16.43 19.69 0.64
CA GLN C 87 -17.46 20.65 0.30
C GLN C 87 -18.75 19.92 -0.12
N PHE C 88 -18.70 18.60 -0.32
CA PHE C 88 -19.80 17.94 -1.04
C PHE C 88 -20.75 17.17 -0.11
N TYR C 89 -20.34 16.95 1.16
CA TYR C 89 -21.02 16.01 2.04
C TYR C 89 -20.98 16.52 3.47
N ASN C 90 -21.93 16.03 4.28
CA ASN C 90 -21.97 16.33 5.69
C ASN C 90 -21.35 15.18 6.48
N GLN C 91 -20.57 14.34 5.81
CA GLN C 91 -19.94 13.17 6.40
C GLN C 91 -18.76 12.79 5.50
N LEU C 92 -17.99 11.80 5.93
CA LEU C 92 -16.87 11.34 5.15
C LEU C 92 -17.32 10.17 4.26
N ALA C 93 -16.37 9.67 3.45
CA ALA C 93 -16.56 8.42 2.76
C ALA C 93 -17.12 7.40 3.74
N PRO C 94 -18.19 6.68 3.34
CA PRO C 94 -18.65 5.51 4.09
C PRO C 94 -17.48 4.57 4.46
N GLU C 95 -16.52 4.40 3.54
CA GLU C 95 -15.39 3.52 3.82
C GLU C 95 -14.10 4.13 3.27
N GLY C 96 -13.05 4.20 4.12
CA GLY C 96 -11.75 4.72 3.72
C GLY C 96 -11.77 6.20 3.34
N ARG C 97 -10.95 6.56 2.34
CA ARG C 97 -10.77 7.93 1.85
C ARG C 97 -11.68 8.22 0.65
N ASN C 98 -11.85 7.25 -0.27
CA ASN C 98 -12.36 7.52 -1.62
C ASN C 98 -13.80 7.03 -1.84
N ILE C 99 -14.48 7.70 -2.77
CA ILE C 99 -15.71 7.18 -3.33
C ILE C 99 -15.52 7.10 -4.85
N GLY C 100 -16.39 6.34 -5.54
CA GLY C 100 -16.44 6.40 -7.00
C GLY C 100 -17.65 7.18 -7.49
N TYR C 101 -17.52 7.89 -8.61
CA TYR C 101 -18.61 8.79 -9.00
C TYR C 101 -18.87 8.63 -10.48
N ILE C 102 -20.05 9.03 -10.90
CA ILE C 102 -20.40 9.06 -12.31
C ILE C 102 -21.13 10.38 -12.53
N TYR C 103 -20.62 11.18 -13.48
CA TYR C 103 -21.26 12.42 -13.84
C TYR C 103 -21.70 12.32 -15.32
N LEU C 104 -22.96 12.68 -15.63
CA LEU C 104 -23.45 12.62 -17.00
C LEU C 104 -23.97 13.99 -17.38
N ALA C 105 -23.42 14.56 -18.44
CA ALA C 105 -23.70 15.94 -18.81
C ALA C 105 -24.97 16.00 -19.64
N GLN C 106 -25.32 14.91 -20.30
CA GLN C 106 -26.45 14.96 -21.23
C GLN C 106 -27.73 15.19 -20.42
N LYS C 107 -28.84 15.49 -21.09
CA LYS C 107 -30.04 15.85 -20.32
C LYS C 107 -30.78 14.59 -19.85
N PRO C 108 -31.66 14.70 -18.85
CA PRO C 108 -32.49 13.57 -18.40
C PRO C 108 -33.21 12.82 -19.54
N GLY C 109 -33.19 11.48 -19.49
CA GLY C 109 -33.79 10.65 -20.53
C GLY C 109 -32.83 10.27 -21.68
N SER C 110 -31.57 10.72 -21.65
CA SER C 110 -30.64 10.35 -22.74
C SER C 110 -30.12 8.91 -22.60
N GLY C 111 -30.33 8.26 -21.45
CA GLY C 111 -29.75 6.95 -21.24
C GLY C 111 -29.12 6.81 -19.85
N VAL C 112 -28.24 5.82 -19.70
CA VAL C 112 -27.66 5.52 -18.40
C VAL C 112 -26.19 5.18 -18.63
N ALA C 113 -25.40 5.18 -17.56
CA ALA C 113 -24.01 4.76 -17.60
C ALA C 113 -23.53 4.53 -16.18
N GLY C 114 -22.42 3.79 -16.01
CA GLY C 114 -21.90 3.57 -14.68
C GLY C 114 -20.66 2.67 -14.64
N PHE C 115 -20.54 1.92 -13.56
CA PHE C 115 -19.44 1.02 -13.35
C PHE C 115 -19.94 -0.40 -13.50
N GLU C 116 -19.06 -1.27 -13.99
CA GLU C 116 -19.31 -2.69 -14.06
C GLU C 116 -18.05 -3.44 -13.62
N GLN C 117 -18.22 -4.52 -12.86
CA GLN C 117 -17.11 -5.42 -12.61
C GLN C 117 -17.62 -6.85 -12.71
N ILE C 118 -16.93 -7.68 -13.52
CA ILE C 118 -17.19 -9.11 -13.57
C ILE C 118 -16.27 -9.82 -12.59
N LEU C 119 -16.86 -10.66 -11.73
CA LEU C 119 -16.18 -11.29 -10.62
C LEU C 119 -15.64 -12.67 -11.02
N ASP C 120 -14.89 -13.29 -10.09
CA ASP C 120 -14.37 -14.63 -10.27
C ASP C 120 -15.40 -15.68 -9.89
N ALA C 121 -16.14 -15.44 -8.80
CA ALA C 121 -17.20 -16.33 -8.38
C ALA C 121 -18.26 -16.49 -9.47
N THR C 122 -18.81 -17.71 -9.55
CA THR C 122 -19.90 -18.07 -10.44
C THR C 122 -21.15 -18.32 -9.60
N LEU C 123 -22.31 -18.38 -10.28
CA LEU C 123 -23.57 -18.57 -9.57
C LEU C 123 -23.69 -20.03 -9.13
N GLU C 124 -24.09 -20.19 -7.87
CA GLU C 124 -24.19 -21.46 -7.18
C GLU C 124 -25.58 -21.63 -6.58
N PRO C 125 -26.10 -22.88 -6.58
CA PRO C 125 -27.47 -23.15 -6.10
C PRO C 125 -27.57 -23.09 -4.58
N ASP C 126 -28.79 -22.81 -4.10
CA ASP C 126 -29.14 -22.96 -2.71
C ASP C 126 -28.41 -21.91 -1.86
N THR C 127 -28.11 -20.78 -2.50
CA THR C 127 -27.41 -19.70 -1.81
C THR C 127 -28.23 -18.42 -1.89
N LYS C 128 -28.20 -17.65 -0.80
CA LYS C 128 -28.71 -16.28 -0.77
C LYS C 128 -27.55 -15.29 -0.82
N TYR C 129 -27.54 -14.50 -1.91
CA TYR C 129 -26.56 -13.45 -2.17
C TYR C 129 -27.11 -12.11 -1.68
N THR C 130 -26.28 -11.38 -0.90
CA THR C 130 -26.55 -10.01 -0.47
C THR C 130 -25.48 -9.09 -1.06
N LEU C 131 -25.94 -8.18 -1.93
CA LEU C 131 -25.11 -7.12 -2.45
C LEU C 131 -25.52 -5.85 -1.71
N LYS C 132 -24.52 -5.20 -1.09
CA LYS C 132 -24.71 -3.94 -0.37
C LYS C 132 -23.71 -2.93 -0.94
N VAL C 133 -24.19 -1.72 -1.20
CA VAL C 133 -23.36 -0.64 -1.70
C VAL C 133 -23.94 0.67 -1.16
N ASP C 134 -23.06 1.60 -0.83
CA ASP C 134 -23.49 2.90 -0.36
C ASP C 134 -23.59 3.85 -1.54
N VAL C 135 -24.67 4.63 -1.56
CA VAL C 135 -24.99 5.56 -2.65
C VAL C 135 -25.01 6.98 -2.09
N GLY C 136 -24.37 7.87 -2.83
CA GLY C 136 -24.12 9.22 -2.36
C GLY C 136 -24.70 10.21 -3.35
N ASN C 137 -25.43 11.18 -2.78
CA ASN C 137 -25.98 12.31 -3.49
C ASN C 137 -25.18 13.53 -3.07
N PHE C 138 -24.15 13.92 -3.84
CA PHE C 138 -23.32 15.05 -3.41
C PHE C 138 -24.10 16.35 -3.56
N GLY C 139 -23.83 17.30 -2.66
CA GLY C 139 -24.40 18.63 -2.75
C GLY C 139 -23.32 19.70 -2.88
N GLY C 140 -23.70 20.93 -2.61
CA GLY C 140 -22.75 22.03 -2.66
C GLY C 140 -22.70 22.59 -4.06
N GLU C 141 -21.50 23.04 -4.48
CA GLU C 141 -21.36 23.48 -5.86
C GLU C 141 -19.96 23.17 -6.35
N PHE C 142 -19.84 23.14 -7.67
CA PHE C 142 -18.58 22.91 -8.36
C PHE C 142 -18.40 24.03 -9.37
N GLN C 143 -17.31 24.79 -9.21
CA GLN C 143 -17.07 25.95 -10.06
C GLN C 143 -18.39 26.74 -10.25
N LYS C 144 -19.05 27.07 -9.15
CA LYS C 144 -20.18 28.01 -9.09
C LYS C 144 -21.48 27.37 -9.55
N ILE C 145 -21.46 26.08 -9.92
CA ILE C 145 -22.66 25.43 -10.43
C ILE C 145 -23.26 24.57 -9.31
N SER C 146 -24.57 24.68 -9.10
CA SER C 146 -25.23 23.99 -8.00
C SER C 146 -25.27 22.48 -8.23
N LEU C 147 -24.98 21.72 -7.18
CA LEU C 147 -24.99 20.27 -7.28
C LEU C 147 -26.28 19.72 -6.66
N ALA C 148 -27.20 20.62 -6.23
CA ALA C 148 -28.51 20.21 -5.71
C ALA C 148 -29.20 19.25 -6.70
N GLY C 149 -29.97 18.32 -6.18
CA GLY C 149 -30.71 17.37 -7.00
C GLY C 149 -29.92 16.07 -7.21
N PHE C 150 -30.55 15.11 -7.89
CA PHE C 150 -30.07 13.73 -7.91
C PHE C 150 -30.59 13.07 -9.16
N PRO C 151 -29.76 12.24 -9.84
CA PRO C 151 -30.17 11.55 -11.08
C PRO C 151 -30.96 10.25 -10.89
N GLY C 152 -30.95 9.71 -9.67
CA GLY C 152 -31.47 8.36 -9.40
C GLY C 152 -30.40 7.28 -9.71
N TYR C 153 -30.50 6.10 -9.08
CA TYR C 153 -29.43 5.12 -9.23
C TYR C 153 -30.07 3.77 -9.52
N ARG C 154 -29.28 2.81 -10.02
CA ARG C 154 -29.66 1.39 -10.02
C ARG C 154 -28.43 0.57 -9.61
N VAL C 155 -28.64 -0.43 -8.75
CA VAL C 155 -27.61 -1.37 -8.37
C VAL C 155 -28.05 -2.76 -8.81
N GLU C 156 -27.22 -3.41 -9.64
CA GLU C 156 -27.58 -4.67 -10.28
C GLU C 156 -26.62 -5.78 -9.85
N LEU C 157 -27.18 -6.93 -9.51
CA LEU C 157 -26.44 -8.20 -9.43
C LEU C 157 -26.69 -9.03 -10.68
N LEU C 158 -25.60 -9.46 -11.31
CA LEU C 158 -25.66 -10.13 -12.59
C LEU C 158 -25.12 -11.55 -12.48
N ALA C 159 -25.48 -12.35 -13.51
CA ALA C 159 -24.87 -13.61 -13.86
C ALA C 159 -24.81 -13.69 -15.37
N GLY C 160 -23.58 -13.85 -15.90
CA GLY C 160 -23.37 -13.64 -17.31
C GLY C 160 -23.78 -12.22 -17.67
N ASP C 161 -24.69 -12.07 -18.60
CA ASP C 161 -25.19 -10.74 -18.90
C ASP C 161 -26.65 -10.61 -18.45
N THR C 162 -27.08 -11.50 -17.54
CA THR C 162 -28.44 -11.50 -17.04
C THR C 162 -28.47 -10.76 -15.71
N VAL C 163 -29.44 -9.83 -15.58
CA VAL C 163 -29.69 -9.12 -14.33
C VAL C 163 -30.56 -10.03 -13.45
N LEU C 164 -29.97 -10.54 -12.35
CA LEU C 164 -30.67 -11.50 -11.50
C LEU C 164 -31.63 -10.77 -10.55
N ALA C 165 -31.13 -9.70 -9.94
CA ALA C 165 -31.85 -8.85 -9.01
C ALA C 165 -31.23 -7.43 -9.08
N ALA C 166 -32.07 -6.42 -8.75
CA ALA C 166 -31.67 -5.03 -8.87
C ALA C 166 -32.54 -4.13 -7.98
N ASP C 167 -31.89 -3.11 -7.42
CA ASP C 167 -32.58 -2.08 -6.68
C ASP C 167 -32.63 -0.84 -7.57
N HIS C 168 -33.75 -0.62 -8.25
CA HIS C 168 -33.86 0.53 -9.14
C HIS C 168 -34.43 1.70 -8.35
N ASN C 169 -33.52 2.50 -7.79
CA ASN C 169 -33.84 3.83 -7.29
C ASN C 169 -34.85 3.78 -6.11
N ASN C 170 -34.74 2.82 -5.19
CA ASN C 170 -35.78 2.71 -4.13
C ASN C 170 -35.52 3.63 -2.94
N LEU C 171 -34.26 3.98 -2.66
CA LEU C 171 -33.98 4.84 -1.50
C LEU C 171 -34.15 6.29 -1.91
N TYR C 172 -34.54 7.11 -0.95
CA TYR C 172 -34.47 8.55 -1.04
C TYR C 172 -33.19 9.03 -0.35
N ILE C 173 -32.35 9.79 -1.07
CA ILE C 173 -31.04 10.21 -0.56
C ILE C 173 -30.92 11.73 -0.72
N LYS C 174 -30.85 12.46 0.41
CA LYS C 174 -30.81 13.92 0.37
C LYS C 174 -29.42 14.39 -0.08
N ASP C 175 -29.37 15.64 -0.59
CA ASP C 175 -28.10 16.29 -0.89
C ASP C 175 -27.13 16.17 0.30
N GLY C 176 -25.93 15.68 0.05
CA GLY C 176 -24.91 15.66 1.07
C GLY C 176 -24.92 14.39 1.91
N GLU C 177 -25.69 13.37 1.49
CA GLU C 177 -25.96 12.19 2.31
C GLU C 177 -25.57 10.92 1.52
N PHE C 178 -25.21 9.84 2.25
CA PHE C 178 -25.11 8.50 1.68
C PHE C 178 -26.12 7.60 2.36
N LYS C 179 -26.68 6.64 1.60
CA LYS C 179 -27.47 5.52 2.15
C LYS C 179 -27.01 4.19 1.58
N THR C 180 -27.33 3.10 2.29
CA THR C 180 -27.01 1.74 1.86
C THR C 180 -28.16 1.19 1.02
N SER C 181 -27.84 0.82 -0.20
CA SER C 181 -28.69 0.02 -1.06
C SER C 181 -28.43 -1.48 -0.81
N THR C 182 -29.50 -2.29 -0.73
CA THR C 182 -29.35 -3.72 -0.51
C THR C 182 -30.13 -4.49 -1.58
N VAL C 183 -29.44 -5.40 -2.27
CA VAL C 183 -30.00 -6.25 -3.29
C VAL C 183 -29.70 -7.70 -2.89
N THR C 184 -30.74 -8.53 -2.85
CA THR C 184 -30.57 -9.93 -2.49
C THR C 184 -31.12 -10.80 -3.60
N PHE C 185 -30.53 -12.01 -3.71
CA PHE C 185 -30.98 -13.00 -4.67
C PHE C 185 -30.68 -14.41 -4.20
N THR C 186 -31.68 -15.31 -4.31
CA THR C 186 -31.51 -16.72 -3.99
C THR C 186 -31.55 -17.57 -5.25
N ALA C 187 -30.46 -18.30 -5.49
CA ALA C 187 -30.40 -19.17 -6.65
C ALA C 187 -30.88 -20.57 -6.24
N THR C 188 -31.84 -21.12 -7.02
CA THR C 188 -32.31 -22.50 -6.85
C THR C 188 -31.49 -23.45 -7.74
N PRO C 189 -31.50 -24.79 -7.46
CA PRO C 189 -30.86 -25.75 -8.38
C PRO C 189 -31.40 -25.69 -9.81
N ASP C 190 -32.64 -25.18 -10.00
CA ASP C 190 -33.28 -25.04 -11.30
C ASP C 190 -32.72 -23.88 -12.10
N ASN C 191 -31.96 -23.01 -11.44
CA ASN C 191 -31.58 -21.76 -12.07
C ASN C 191 -30.84 -21.99 -13.40
N PRO C 192 -31.34 -21.41 -14.52
CA PRO C 192 -30.68 -21.54 -15.81
C PRO C 192 -29.29 -20.91 -15.92
N TYR C 193 -28.85 -20.10 -14.96
CA TYR C 193 -27.57 -19.39 -15.12
C TYR C 193 -26.57 -19.87 -14.08
N LEU C 194 -26.83 -21.02 -13.46
CA LEU C 194 -25.83 -21.59 -12.56
C LEU C 194 -24.47 -21.70 -13.25
N ASP C 195 -23.40 -21.39 -12.50
CA ASP C 195 -22.01 -21.53 -12.96
C ASP C 195 -21.60 -20.45 -13.98
N GLN C 196 -22.50 -19.53 -14.32
CA GLN C 196 -22.06 -18.32 -15.02
C GLN C 196 -21.41 -17.35 -14.01
N LYS C 197 -20.51 -16.47 -14.52
CA LYS C 197 -19.76 -15.51 -13.71
C LYS C 197 -20.67 -14.39 -13.22
N LEU C 198 -20.54 -14.10 -11.92
CA LEU C 198 -21.23 -13.01 -11.23
C LEU C 198 -20.67 -11.65 -11.69
N GLY C 199 -21.59 -10.67 -11.75
CA GLY C 199 -21.27 -9.29 -12.08
C GLY C 199 -21.94 -8.29 -11.12
N ILE C 200 -21.39 -7.06 -11.10
CA ILE C 200 -21.99 -5.94 -10.39
C ILE C 200 -22.05 -4.75 -11.33
N ARG C 201 -23.21 -4.06 -11.32
CA ARG C 201 -23.33 -2.78 -11.99
C ARG C 201 -23.87 -1.74 -11.03
N LEU C 202 -23.28 -0.54 -11.09
CA LEU C 202 -23.67 0.60 -10.29
C LEU C 202 -23.92 1.68 -11.31
N ILE C 203 -25.16 2.21 -11.36
CA ILE C 203 -25.64 2.91 -12.54
C ILE C 203 -26.24 4.26 -12.11
N ASN C 204 -25.84 5.31 -12.84
CA ASN C 204 -26.47 6.63 -12.89
C ASN C 204 -27.66 6.61 -13.90
N LEU C 205 -28.89 6.85 -13.40
CA LEU C 205 -30.10 6.69 -14.20
C LEU C 205 -30.35 7.88 -15.13
N LEU C 206 -29.69 9.02 -14.84
CA LEU C 206 -29.92 10.26 -15.57
C LEU C 206 -31.45 10.54 -15.65
N GLN C 207 -32.10 10.58 -14.47
CA GLN C 207 -33.52 10.84 -14.36
C GLN C 207 -33.79 12.09 -13.54
N GLY C 208 -32.83 13.00 -13.53
CA GLY C 208 -32.83 14.20 -12.69
C GLY C 208 -31.50 14.92 -12.80
N THR C 209 -31.51 16.21 -12.49
CA THR C 209 -30.29 17.00 -12.33
C THR C 209 -30.25 17.52 -10.91
N PHE C 210 -29.07 17.82 -10.37
CA PHE C 210 -27.76 17.65 -10.97
C PHE C 210 -27.43 16.16 -11.15
N SER C 211 -26.92 15.80 -12.33
CA SER C 211 -26.93 14.40 -12.73
C SER C 211 -25.57 13.74 -12.47
N GLY C 212 -25.14 13.74 -11.21
CA GLY C 212 -23.96 13.04 -10.76
C GLY C 212 -24.25 12.32 -9.44
N LEU C 213 -23.65 11.14 -9.22
CA LEU C 213 -23.77 10.50 -7.90
C LEU C 213 -22.51 9.74 -7.55
N ASP C 214 -22.46 9.24 -6.31
CA ASP C 214 -21.27 8.56 -5.83
C ASP C 214 -21.65 7.17 -5.35
N PHE C 215 -20.67 6.25 -5.35
CA PHE C 215 -20.82 4.93 -4.77
C PHE C 215 -19.63 4.62 -3.89
N ASP C 216 -19.84 3.79 -2.86
CA ASP C 216 -18.73 3.28 -2.05
C ASP C 216 -19.04 1.90 -1.46
N ASN C 217 -17.96 1.22 -1.04
CA ASN C 217 -18.01 0.15 -0.06
C ASN C 217 -18.91 -0.94 -0.59
N VAL C 218 -18.56 -1.49 -1.77
CA VAL C 218 -19.33 -2.59 -2.36
C VAL C 218 -18.98 -3.88 -1.61
N ARG C 219 -20.00 -4.57 -1.05
CA ARG C 219 -19.85 -5.82 -0.31
C ARG C 219 -20.83 -6.87 -0.84
N LEU C 220 -20.31 -8.08 -1.09
CA LEU C 220 -21.13 -9.19 -1.55
C LEU C 220 -20.92 -10.38 -0.64
N THR C 221 -22.02 -10.88 -0.07
CA THR C 221 -21.96 -12.02 0.84
C THR C 221 -22.96 -13.13 0.44
N VAL C 222 -22.61 -14.36 0.87
CA VAL C 222 -23.36 -15.58 0.57
C VAL C 222 -23.63 -16.32 1.86
N GLU C 223 -24.83 -16.90 1.94
CA GLU C 223 -25.19 -17.81 3.01
C GLU C 223 -26.06 -18.94 2.43
N PRO C 224 -26.33 -20.06 3.16
CA PRO C 224 -27.17 -21.14 2.61
C PRO C 224 -28.63 -20.70 2.56
N ALA C 225 -29.33 -21.10 1.50
CA ALA C 225 -30.76 -20.83 1.38
C ALA C 225 -31.50 -21.56 2.51
N VAL D 28 15.07 15.18 -23.19
CA VAL D 28 15.01 13.76 -22.69
C VAL D 28 13.56 13.26 -22.71
N VAL D 29 12.96 13.22 -23.91
CA VAL D 29 11.63 12.66 -24.10
C VAL D 29 11.72 11.13 -24.21
N SER D 30 10.66 10.47 -23.72
CA SER D 30 10.51 9.02 -23.79
C SER D 30 9.99 8.61 -25.17
N ILE D 31 10.46 7.46 -25.64
CA ILE D 31 9.83 6.86 -26.81
C ILE D 31 8.89 5.76 -26.34
N PRO D 32 7.60 5.77 -26.78
CA PRO D 32 6.63 4.75 -26.35
C PRO D 32 7.03 3.30 -26.70
N ILE D 33 7.03 2.42 -25.69
CA ILE D 33 7.19 0.98 -25.88
C ILE D 33 5.98 0.30 -25.24
N ASN D 34 5.35 -0.66 -25.95
CA ASN D 34 4.27 -1.49 -25.42
C ASN D 34 4.81 -2.50 -24.40
N ASN D 35 4.13 -2.52 -23.24
CA ASN D 35 4.32 -3.53 -22.22
C ASN D 35 5.80 -3.57 -21.82
N ALA D 36 6.36 -2.39 -21.63
CA ALA D 36 7.78 -2.16 -21.42
C ALA D 36 8.26 -2.80 -20.11
N GLY D 37 7.34 -3.00 -19.17
CA GLY D 37 7.71 -3.59 -17.89
C GLY D 37 7.09 -4.97 -17.71
N PHE D 38 6.59 -5.56 -18.81
CA PHE D 38 5.97 -6.89 -18.82
C PHE D 38 4.80 -7.01 -17.81
N GLU D 39 4.15 -5.87 -17.50
CA GLU D 39 3.16 -5.83 -16.42
C GLU D 39 1.84 -6.46 -16.87
N ASP D 40 1.63 -6.55 -18.20
CA ASP D 40 0.52 -7.28 -18.82
C ASP D 40 1.01 -8.66 -19.30
N PRO D 41 0.36 -9.77 -18.83
CA PRO D 41 -0.88 -9.77 -18.04
C PRO D 41 -0.63 -9.76 -16.54
N PHE D 42 -1.69 -9.41 -15.79
CA PHE D 42 -1.70 -9.48 -14.34
C PHE D 42 -1.54 -10.95 -13.93
N ILE D 43 -0.78 -11.18 -12.84
CA ILE D 43 -0.58 -12.52 -12.29
C ILE D 43 -0.72 -12.43 -10.78
N GLU D 44 -1.49 -13.38 -10.24
CA GLU D 44 -1.99 -13.26 -8.88
C GLU D 44 -1.02 -13.89 -7.89
N VAL D 45 -0.59 -15.12 -8.15
CA VAL D 45 0.19 -15.88 -7.18
C VAL D 45 1.68 -15.61 -7.41
N VAL D 46 2.42 -15.45 -6.31
CA VAL D 46 3.86 -15.17 -6.36
C VAL D 46 4.54 -16.35 -7.06
N ASP D 47 5.41 -16.02 -8.03
CA ASP D 47 6.21 -17.00 -8.76
C ASP D 47 5.41 -17.75 -9.84
N ASP D 48 4.11 -17.46 -10.01
CA ASP D 48 3.38 -17.98 -11.15
C ASP D 48 3.80 -17.18 -12.40
N TYR D 49 3.53 -17.74 -13.58
CA TYR D 49 4.09 -17.24 -14.82
C TYR D 49 3.21 -17.74 -15.96
N THR D 50 3.28 -17.04 -17.12
CA THR D 50 2.77 -17.54 -18.40
C THR D 50 3.90 -18.18 -19.21
N VAL D 51 3.54 -18.87 -20.30
CA VAL D 51 4.49 -19.52 -21.19
C VAL D 51 4.24 -19.09 -22.65
N ASP D 52 3.50 -17.98 -22.83
CA ASP D 52 3.29 -17.40 -24.15
C ASP D 52 4.00 -16.05 -24.28
N THR D 53 4.39 -15.71 -25.51
CA THR D 53 5.02 -14.42 -25.78
C THR D 53 4.22 -13.33 -25.11
N PRO D 54 4.85 -12.46 -24.29
CA PRO D 54 4.16 -11.31 -23.70
C PRO D 54 3.46 -10.45 -24.74
N PRO D 55 2.22 -9.98 -24.49
CA PRO D 55 1.55 -9.01 -25.36
C PRO D 55 2.45 -7.80 -25.65
N GLY D 56 2.44 -7.35 -26.92
CA GLY D 56 3.20 -6.20 -27.38
C GLY D 56 4.60 -6.55 -27.89
N TRP D 57 5.09 -7.75 -27.55
CA TRP D 57 6.39 -8.24 -27.97
C TRP D 57 6.18 -9.39 -28.95
N THR D 58 7.23 -9.75 -29.71
CA THR D 58 7.21 -11.00 -30.42
C THR D 58 8.41 -11.83 -29.97
N THR D 59 8.42 -13.09 -30.38
CA THR D 59 9.49 -14.00 -30.07
C THR D 59 10.55 -13.89 -31.16
N TYR D 60 11.74 -13.49 -30.76
CA TYR D 60 12.87 -13.47 -31.66
C TYR D 60 13.47 -14.87 -31.71
N ASN D 61 13.41 -15.47 -32.89
CA ASN D 61 13.57 -16.91 -32.98
C ASN D 61 14.43 -17.32 -34.18
N PRO D 62 15.67 -16.80 -34.29
CA PRO D 62 16.45 -16.96 -35.53
C PRO D 62 16.96 -18.39 -35.67
N ASN D 63 16.91 -19.18 -34.58
CA ASN D 63 17.48 -20.51 -34.67
C ASN D 63 16.41 -21.55 -34.44
N ASN D 64 15.13 -21.11 -34.37
CA ASN D 64 14.00 -22.02 -34.23
C ASN D 64 14.13 -22.86 -32.96
N LEU D 65 14.60 -22.25 -31.86
CA LEU D 65 14.76 -22.99 -30.61
C LEU D 65 13.43 -23.07 -29.86
N VAL D 66 12.57 -22.07 -30.06
CA VAL D 66 11.35 -21.94 -29.27
C VAL D 66 10.18 -22.43 -30.12
N PRO D 67 9.40 -23.45 -29.69
CA PRO D 67 8.34 -24.00 -30.55
C PRO D 67 7.13 -23.06 -30.46
N GLU D 68 6.23 -23.14 -31.45
CA GLU D 68 5.06 -22.27 -31.48
C GLU D 68 4.11 -22.51 -30.29
N LYS D 69 3.88 -23.77 -29.90
CA LYS D 69 3.07 -24.02 -28.69
C LYS D 69 3.99 -24.46 -27.54
N ARG D 70 3.80 -23.88 -26.36
CA ARG D 70 4.76 -24.14 -25.29
C ARG D 70 4.03 -24.69 -24.08
N THR D 71 4.78 -25.43 -23.25
CA THR D 71 4.37 -25.78 -21.90
C THR D 71 5.55 -25.57 -20.97
N THR D 72 5.32 -25.67 -19.66
CA THR D 72 6.46 -25.65 -18.78
C THR D 72 7.43 -26.77 -19.19
N TRP D 73 8.74 -26.46 -19.09
CA TRP D 73 9.87 -27.29 -19.50
C TRP D 73 10.09 -27.38 -21.02
N THR D 74 9.23 -26.75 -21.85
CA THR D 74 9.72 -26.49 -23.22
C THR D 74 10.58 -25.23 -23.20
N SER D 75 11.51 -25.10 -24.15
CA SER D 75 12.00 -23.76 -24.46
C SER D 75 10.78 -22.83 -24.61
N ASN D 76 10.83 -21.66 -23.97
CA ASN D 76 9.68 -20.77 -23.95
C ASN D 76 10.12 -19.39 -23.49
N ASN D 77 9.18 -18.45 -23.53
CA ASN D 77 9.31 -17.14 -22.93
C ASN D 77 7.91 -16.76 -22.41
N GLY D 78 7.85 -15.69 -21.64
CA GLY D 78 6.61 -15.29 -21.00
C GLY D 78 6.89 -14.29 -19.89
N VAL D 79 5.86 -13.98 -19.08
CA VAL D 79 6.05 -13.09 -17.94
C VAL D 79 5.92 -13.90 -16.65
N GLY D 80 6.58 -13.43 -15.59
CA GLY D 80 6.61 -14.11 -14.32
C GLY D 80 6.46 -13.11 -13.20
N TYR D 81 5.76 -13.50 -12.13
CA TYR D 81 5.50 -12.57 -11.02
C TYR D 81 6.59 -12.75 -9.96
N VAL D 82 7.38 -11.67 -9.75
CA VAL D 82 8.46 -11.62 -8.76
C VAL D 82 8.02 -10.70 -7.64
N GLY D 83 7.25 -11.28 -6.70
CA GLY D 83 6.66 -10.55 -5.60
C GLY D 83 7.41 -10.79 -4.30
N PRO D 84 6.96 -10.15 -3.20
CA PRO D 84 7.47 -10.48 -1.86
C PRO D 84 7.44 -11.99 -1.65
N GLY D 85 8.54 -12.55 -1.14
CA GLY D 85 8.57 -13.98 -0.85
C GLY D 85 9.10 -14.84 -2.01
N THR D 86 9.34 -14.22 -3.18
CA THR D 86 9.89 -14.94 -4.34
C THR D 86 11.10 -15.79 -3.98
N GLN D 87 11.20 -16.97 -4.60
CA GLN D 87 12.29 -17.91 -4.31
C GLN D 87 13.46 -17.72 -5.30
N PHE D 88 13.29 -16.85 -6.30
CA PHE D 88 14.18 -16.75 -7.45
C PHE D 88 15.20 -15.60 -7.28
N TYR D 89 14.83 -14.58 -6.50
CA TYR D 89 15.67 -13.40 -6.34
C TYR D 89 15.81 -13.03 -4.87
N ASN D 90 16.74 -12.11 -4.60
CA ASN D 90 16.94 -11.54 -3.29
C ASN D 90 16.45 -10.11 -3.30
N GLN D 91 15.41 -9.86 -4.08
CA GLN D 91 14.81 -8.55 -4.23
C GLN D 91 13.53 -8.73 -5.04
N LEU D 92 12.78 -7.66 -5.20
CA LEU D 92 11.53 -7.68 -5.95
C LEU D 92 11.84 -7.42 -7.41
N ALA D 93 10.80 -7.40 -8.24
CA ALA D 93 10.92 -6.97 -9.62
C ALA D 93 11.54 -5.59 -9.65
N PRO D 94 12.38 -5.25 -10.66
CA PRO D 94 12.85 -3.88 -10.85
C PRO D 94 11.72 -2.89 -10.99
N GLU D 95 10.64 -3.31 -11.63
CA GLU D 95 9.51 -2.43 -11.87
C GLU D 95 8.23 -3.28 -11.77
N GLY D 96 7.20 -2.71 -11.11
CA GLY D 96 5.89 -3.36 -10.98
C GLY D 96 5.98 -4.73 -10.34
N ARG D 97 5.21 -5.68 -10.88
CA ARG D 97 5.09 -7.01 -10.32
C ARG D 97 5.98 -8.02 -11.06
N ASN D 98 6.03 -7.85 -12.40
CA ASN D 98 6.39 -8.88 -13.37
C ASN D 98 7.76 -8.60 -13.99
N ILE D 99 8.46 -9.70 -14.33
CA ILE D 99 9.56 -9.68 -15.27
C ILE D 99 9.16 -10.45 -16.54
N GLY D 100 9.86 -10.20 -17.67
CA GLY D 100 9.80 -11.09 -18.83
C GLY D 100 10.95 -12.11 -18.83
N TYR D 101 10.68 -13.37 -19.14
CA TYR D 101 11.75 -14.37 -19.06
C TYR D 101 11.91 -15.12 -20.37
N ILE D 102 13.13 -15.68 -20.54
CA ILE D 102 13.38 -16.63 -21.62
C ILE D 102 14.18 -17.80 -21.06
N TYR D 103 13.65 -19.00 -21.33
CA TYR D 103 14.23 -20.26 -20.92
C TYR D 103 14.44 -21.10 -22.16
N LEU D 104 15.69 -21.57 -22.36
CA LEU D 104 15.99 -22.43 -23.49
C LEU D 104 16.49 -23.73 -22.93
N ALA D 105 15.90 -24.82 -23.43
CA ALA D 105 16.18 -26.17 -22.98
C ALA D 105 17.39 -26.75 -23.72
N GLN D 106 17.66 -26.27 -24.96
CA GLN D 106 18.76 -26.82 -25.77
C GLN D 106 20.11 -26.57 -25.09
N LYS D 107 21.12 -27.36 -25.43
CA LYS D 107 22.42 -27.20 -24.82
C LYS D 107 23.13 -25.94 -25.35
N PRO D 108 24.06 -25.35 -24.54
CA PRO D 108 24.85 -24.19 -24.94
C PRO D 108 25.44 -24.36 -26.33
N GLY D 109 25.35 -23.31 -27.16
CA GLY D 109 25.87 -23.34 -28.53
C GLY D 109 24.79 -23.61 -29.58
N SER D 110 23.57 -23.98 -29.16
CA SER D 110 22.52 -24.28 -30.14
C SER D 110 21.96 -23.03 -30.82
N GLY D 111 22.33 -21.80 -30.39
CA GLY D 111 21.72 -20.62 -31.01
C GLY D 111 21.16 -19.64 -29.99
N VAL D 112 20.24 -18.75 -30.42
CA VAL D 112 19.75 -17.72 -29.51
C VAL D 112 18.24 -17.56 -29.63
N ALA D 113 17.63 -16.91 -28.63
CA ALA D 113 16.21 -16.59 -28.69
C ALA D 113 15.94 -15.43 -27.74
N GLY D 114 14.84 -14.72 -28.00
CA GLY D 114 14.41 -13.74 -27.01
C GLY D 114 13.12 -13.05 -27.41
N PHE D 115 13.04 -11.76 -27.09
CA PHE D 115 11.88 -10.92 -27.34
C PHE D 115 12.32 -9.84 -28.32
N GLU D 116 11.36 -9.35 -29.11
CA GLU D 116 11.56 -8.28 -30.08
C GLU D 116 10.31 -7.38 -30.10
N GLN D 117 10.51 -6.07 -30.27
CA GLN D 117 9.40 -5.18 -30.53
C GLN D 117 9.87 -4.08 -31.49
N ILE D 118 9.15 -3.96 -32.62
CA ILE D 118 9.34 -2.85 -33.55
C ILE D 118 8.56 -1.64 -33.01
N LEU D 119 9.20 -0.47 -32.92
CA LEU D 119 8.52 0.69 -32.36
C LEU D 119 7.92 1.55 -33.48
N ASP D 120 7.16 2.59 -33.09
CA ASP D 120 6.54 3.48 -34.06
C ASP D 120 7.50 4.61 -34.41
N ALA D 121 8.24 5.07 -33.41
CA ALA D 121 9.36 5.97 -33.61
C ALA D 121 10.30 5.44 -34.70
N THR D 122 10.81 6.36 -35.55
CA THR D 122 11.79 6.08 -36.60
C THR D 122 13.11 6.72 -36.25
N LEU D 123 14.21 6.29 -36.90
CA LEU D 123 15.53 6.83 -36.59
C LEU D 123 15.63 8.23 -37.19
N GLU D 124 16.07 9.17 -36.34
CA GLU D 124 16.13 10.59 -36.65
C GLU D 124 17.53 11.14 -36.44
N PRO D 125 18.03 12.01 -37.36
CA PRO D 125 19.41 12.50 -37.34
C PRO D 125 19.64 13.46 -36.18
N ASP D 126 20.91 13.61 -35.82
CA ASP D 126 21.30 14.53 -34.76
C ASP D 126 20.46 14.22 -33.54
N THR D 127 20.70 13.03 -33.00
CA THR D 127 19.99 12.51 -31.84
C THR D 127 20.83 11.41 -31.22
N LYS D 128 20.95 11.45 -29.90
CA LYS D 128 21.50 10.35 -29.16
C LYS D 128 20.33 9.59 -28.51
N TYR D 129 20.37 8.26 -28.62
CA TYR D 129 19.35 7.37 -28.08
C TYR D 129 19.95 6.62 -26.91
N THR D 130 19.16 6.47 -25.83
CA THR D 130 19.57 5.71 -24.67
C THR D 130 18.52 4.63 -24.38
N LEU D 131 19.01 3.39 -24.33
CA LEU D 131 18.21 2.23 -24.06
C LEU D 131 18.75 1.62 -22.80
N LYS D 132 17.86 1.48 -21.81
CA LYS D 132 18.17 0.82 -20.55
C LYS D 132 17.20 -0.35 -20.35
N VAL D 133 17.73 -1.49 -19.92
CA VAL D 133 16.91 -2.60 -19.51
C VAL D 133 17.60 -3.30 -18.36
N ASP D 134 16.81 -3.81 -17.43
CA ASP D 134 17.37 -4.54 -16.33
C ASP D 134 17.35 -6.01 -16.70
N VAL D 135 18.42 -6.69 -16.32
CA VAL D 135 18.64 -8.08 -16.67
C VAL D 135 18.78 -8.86 -15.37
N GLY D 136 18.09 -9.99 -15.26
CA GLY D 136 18.10 -10.76 -14.04
C GLY D 136 18.61 -12.18 -14.23
N ASN D 137 19.48 -12.59 -13.31
CA ASN D 137 19.95 -13.96 -13.24
C ASN D 137 19.22 -14.66 -12.10
N PHE D 138 18.11 -15.34 -12.39
CA PHE D 138 17.38 -15.98 -11.30
C PHE D 138 18.13 -17.18 -10.77
N GLY D 139 18.04 -17.37 -9.44
CA GLY D 139 18.64 -18.48 -8.70
C GLY D 139 17.55 -19.33 -8.02
N GLY D 140 17.98 -20.23 -7.15
CA GLY D 140 17.03 -21.09 -6.47
C GLY D 140 16.87 -22.42 -7.20
N GLU D 141 15.64 -22.92 -7.25
CA GLU D 141 15.41 -24.29 -7.68
C GLU D 141 14.07 -24.23 -8.36
N PHE D 142 13.84 -25.10 -9.36
CA PHE D 142 12.50 -25.05 -9.95
C PHE D 142 11.68 -26.27 -9.58
N GLN D 143 11.94 -27.41 -10.19
CA GLN D 143 11.25 -28.56 -9.63
C GLN D 143 12.35 -29.45 -9.07
N LYS D 144 13.06 -28.91 -8.07
CA LYS D 144 14.23 -29.58 -7.53
C LYS D 144 15.42 -29.46 -8.50
N ILE D 145 15.25 -28.75 -9.63
CA ILE D 145 16.38 -28.54 -10.53
C ILE D 145 17.02 -27.21 -10.18
N SER D 146 18.36 -27.25 -10.03
CA SER D 146 19.15 -26.05 -9.69
C SER D 146 19.12 -25.00 -10.81
N LEU D 147 18.83 -23.74 -10.45
CA LEU D 147 18.84 -22.63 -11.41
C LEU D 147 20.13 -21.79 -11.28
N ALA D 148 21.17 -22.36 -10.64
CA ALA D 148 22.51 -21.78 -10.57
C ALA D 148 23.14 -21.67 -11.98
N GLY D 149 23.90 -20.59 -12.23
CA GLY D 149 24.47 -20.37 -13.56
C GLY D 149 23.59 -19.43 -14.41
N PHE D 150 24.09 -19.10 -15.60
CA PHE D 150 23.55 -17.98 -16.38
C PHE D 150 23.87 -18.20 -17.87
N PRO D 151 22.96 -17.92 -18.82
CA PRO D 151 23.30 -18.13 -20.23
C PRO D 151 24.00 -16.99 -20.98
N GLY D 152 24.23 -15.86 -20.32
CA GLY D 152 24.58 -14.60 -20.96
C GLY D 152 23.37 -13.97 -21.69
N TYR D 153 23.46 -12.66 -21.95
CA TYR D 153 22.39 -11.86 -22.57
C TYR D 153 23.00 -10.92 -23.63
N ARG D 154 22.16 -10.44 -24.53
CA ARG D 154 22.49 -9.34 -25.43
C ARG D 154 21.27 -8.43 -25.52
N VAL D 155 21.52 -7.14 -25.38
CA VAL D 155 20.49 -6.12 -25.57
C VAL D 155 20.84 -5.34 -26.84
N GLU D 156 19.87 -5.24 -27.76
CA GLU D 156 20.10 -4.65 -29.09
C GLU D 156 19.15 -3.47 -29.32
N LEU D 157 19.69 -2.39 -29.94
CA LEU D 157 18.91 -1.30 -30.51
C LEU D 157 18.98 -1.40 -32.03
N LEU D 158 17.81 -1.41 -32.70
CA LEU D 158 17.69 -1.65 -34.13
C LEU D 158 17.13 -0.44 -34.85
N ALA D 159 17.48 -0.33 -36.14
CA ALA D 159 16.75 0.46 -37.12
C ALA D 159 16.51 -0.43 -38.30
N GLY D 160 15.23 -0.57 -38.71
CA GLY D 160 14.87 -1.65 -39.60
C GLY D 160 15.37 -2.95 -39.01
N ASP D 161 16.18 -3.71 -39.76
CA ASP D 161 16.79 -4.91 -39.18
C ASP D 161 18.31 -4.77 -39.04
N THR D 162 18.82 -3.54 -38.93
CA THR D 162 20.22 -3.31 -38.64
C THR D 162 20.40 -3.10 -37.13
N VAL D 163 21.36 -3.80 -36.54
CA VAL D 163 21.67 -3.57 -35.14
C VAL D 163 22.64 -2.39 -35.05
N LEU D 164 22.14 -1.25 -34.53
CA LEU D 164 22.91 -0.02 -34.49
C LEU D 164 23.95 -0.08 -33.38
N ALA D 165 23.58 -0.68 -32.25
CA ALA D 165 24.41 -0.72 -31.05
C ALA D 165 23.84 -1.82 -30.17
N ALA D 166 24.71 -2.45 -29.38
CA ALA D 166 24.26 -3.56 -28.58
C ALA D 166 25.21 -3.81 -27.41
N ASP D 167 24.66 -4.29 -26.30
CA ASP D 167 25.49 -4.74 -25.20
C ASP D 167 25.48 -6.25 -25.22
N HIS D 168 26.61 -6.86 -25.63
CA HIS D 168 26.70 -8.31 -25.66
C HIS D 168 27.39 -8.75 -24.40
N ASN D 169 26.58 -9.00 -23.38
CA ASN D 169 26.99 -9.76 -22.21
C ASN D 169 28.14 -9.10 -21.41
N ASN D 170 28.09 -7.78 -21.21
CA ASN D 170 29.21 -7.08 -20.57
C ASN D 170 29.15 -7.14 -19.04
N LEU D 171 27.94 -7.27 -18.49
CA LEU D 171 27.73 -7.21 -17.06
C LEU D 171 27.85 -8.61 -16.48
N TYR D 172 28.53 -8.70 -15.33
CA TYR D 172 28.49 -9.89 -14.50
C TYR D 172 27.30 -9.76 -13.56
N ILE D 173 26.47 -10.81 -13.51
CA ILE D 173 25.22 -10.78 -12.78
C ILE D 173 25.12 -12.10 -12.01
N LYS D 174 25.23 -12.01 -10.67
CA LYS D 174 25.25 -13.19 -9.80
C LYS D 174 23.84 -13.78 -9.73
N ASP D 175 23.77 -15.06 -9.35
CA ASP D 175 22.50 -15.71 -9.09
C ASP D 175 21.72 -14.89 -8.09
N GLY D 176 20.47 -14.58 -8.43
CA GLY D 176 19.55 -13.96 -7.50
C GLY D 176 19.45 -12.44 -7.60
N GLU D 177 20.19 -11.78 -8.55
CA GLU D 177 20.20 -10.31 -8.64
C GLU D 177 19.97 -9.78 -10.07
N PHE D 178 19.60 -8.49 -10.18
CA PHE D 178 19.37 -7.79 -11.44
C PHE D 178 20.43 -6.70 -11.63
N LYS D 179 20.77 -6.36 -12.88
CA LYS D 179 21.62 -5.20 -13.16
C LYS D 179 21.10 -4.47 -14.40
N THR D 180 21.42 -3.18 -14.48
CA THR D 180 20.97 -2.35 -15.58
C THR D 180 22.00 -2.38 -16.70
N SER D 181 21.54 -2.77 -17.88
CA SER D 181 22.33 -2.68 -19.08
C SER D 181 21.94 -1.39 -19.81
N THR D 182 22.96 -0.67 -20.28
CA THR D 182 22.74 0.56 -21.03
C THR D 182 23.36 0.41 -22.40
N VAL D 183 22.65 0.89 -23.42
CA VAL D 183 23.13 0.89 -24.79
C VAL D 183 22.83 2.26 -25.36
N THR D 184 23.86 2.93 -25.90
CA THR D 184 23.69 4.28 -26.46
C THR D 184 24.11 4.31 -27.93
N PHE D 185 23.56 5.27 -28.65
CA PHE D 185 23.85 5.39 -30.05
C PHE D 185 23.46 6.77 -30.54
N THR D 186 24.34 7.35 -31.36
CA THR D 186 24.16 8.68 -31.91
C THR D 186 23.97 8.58 -33.42
N ALA D 187 22.83 9.09 -33.91
CA ALA D 187 22.55 9.03 -35.34
C ALA D 187 22.93 10.36 -35.99
N THR D 188 23.87 10.31 -36.96
CA THR D 188 24.30 11.50 -37.68
C THR D 188 23.44 11.70 -38.93
N PRO D 189 23.44 12.90 -39.56
CA PRO D 189 22.67 13.13 -40.79
C PRO D 189 23.12 12.26 -41.96
N ASP D 190 24.29 11.60 -41.79
CA ASP D 190 24.89 10.69 -42.75
C ASP D 190 24.24 9.30 -42.71
N ASN D 191 23.67 8.95 -41.55
CA ASN D 191 23.26 7.59 -41.28
C ASN D 191 22.45 7.03 -42.45
N PRO D 192 22.83 5.83 -42.97
CA PRO D 192 22.08 5.21 -44.08
C PRO D 192 20.68 4.71 -43.69
N TYR D 193 20.35 4.72 -42.39
CA TYR D 193 19.14 4.04 -41.90
C TYR D 193 18.14 5.03 -41.33
N LEU D 194 18.39 6.34 -41.52
CA LEU D 194 17.42 7.36 -41.12
C LEU D 194 16.02 6.96 -41.62
N ASP D 195 15.02 7.09 -40.72
CA ASP D 195 13.59 7.02 -41.06
C ASP D 195 13.08 5.59 -41.16
N GLN D 196 13.93 4.61 -40.83
CA GLN D 196 13.45 3.25 -40.58
C GLN D 196 12.94 3.16 -39.14
N LYS D 197 12.07 2.18 -38.88
CA LYS D 197 11.48 2.04 -37.56
C LYS D 197 12.50 1.47 -36.57
N LEU D 198 12.51 2.04 -35.36
CA LEU D 198 13.37 1.60 -34.28
C LEU D 198 12.85 0.26 -33.77
N GLY D 199 13.78 -0.58 -33.26
CA GLY D 199 13.46 -1.85 -32.64
C GLY D 199 14.29 -2.10 -31.38
N ILE D 200 13.83 -3.05 -30.53
CA ILE D 200 14.58 -3.54 -29.37
C ILE D 200 14.57 -5.08 -29.42
N ARG D 201 15.72 -5.71 -29.13
CA ARG D 201 15.78 -7.15 -28.87
C ARG D 201 16.43 -7.40 -27.51
N LEU D 202 15.86 -8.35 -26.77
CA LEU D 202 16.40 -8.84 -25.50
C LEU D 202 16.62 -10.33 -25.66
N ILE D 203 17.88 -10.75 -25.61
CA ILE D 203 18.27 -12.06 -26.10
C ILE D 203 18.92 -12.87 -24.98
N ASN D 204 18.52 -14.13 -24.90
CA ASN D 204 19.22 -15.18 -24.18
C ASN D 204 20.24 -15.80 -25.13
N LEU D 205 21.52 -15.79 -24.73
CA LEU D 205 22.63 -16.10 -25.62
C LEU D 205 22.87 -17.61 -25.65
N LEU D 206 22.33 -18.34 -24.66
CA LEU D 206 22.58 -19.77 -24.53
C LEU D 206 24.09 -20.09 -24.56
N GLN D 207 24.87 -19.44 -23.70
CA GLN D 207 26.29 -19.74 -23.61
C GLN D 207 26.64 -20.17 -22.18
N GLY D 208 25.74 -20.93 -21.56
CA GLY D 208 25.80 -21.23 -20.14
C GLY D 208 24.52 -21.89 -19.63
N THR D 209 24.66 -22.67 -18.56
CA THR D 209 23.49 -23.18 -17.84
C THR D 209 23.62 -22.81 -16.37
N PHE D 210 22.49 -22.63 -15.67
CA PHE D 210 21.13 -22.86 -16.14
C PHE D 210 20.72 -21.78 -17.16
N SER D 211 20.09 -22.21 -18.24
CA SER D 211 19.94 -21.33 -19.40
C SER D 211 18.59 -20.60 -19.41
N GLY D 212 18.36 -19.80 -18.38
CA GLY D 212 17.21 -18.91 -18.37
C GLY D 212 17.60 -17.56 -17.82
N LEU D 213 16.88 -16.52 -18.25
CA LEU D 213 17.18 -15.20 -17.74
C LEU D 213 15.92 -14.33 -17.79
N ASP D 214 15.95 -13.20 -17.06
CA ASP D 214 14.81 -12.30 -16.97
C ASP D 214 15.22 -10.92 -17.45
N PHE D 215 14.21 -10.17 -17.90
CA PHE D 215 14.34 -8.79 -18.33
C PHE D 215 13.23 -7.99 -17.68
N ASP D 216 13.49 -6.69 -17.36
CA ASP D 216 12.43 -5.77 -16.96
C ASP D 216 12.77 -4.32 -17.31
N ASN D 217 11.69 -3.52 -17.40
CA ASN D 217 11.80 -2.08 -17.27
C ASN D 217 12.58 -1.53 -18.46
N VAL D 218 12.13 -1.92 -19.66
CA VAL D 218 12.71 -1.40 -20.88
C VAL D 218 12.39 0.11 -20.98
N ARG D 219 13.46 0.95 -21.03
CA ARG D 219 13.36 2.40 -21.25
C ARG D 219 14.20 2.83 -22.47
N LEU D 220 13.61 3.69 -23.31
CA LEU D 220 14.25 4.30 -24.47
C LEU D 220 14.01 5.81 -24.44
N THR D 221 15.10 6.56 -24.19
CA THR D 221 15.03 8.01 -24.12
C THR D 221 15.79 8.61 -25.31
N VAL D 222 15.26 9.68 -25.87
CA VAL D 222 15.88 10.31 -27.02
C VAL D 222 16.35 11.70 -26.56
N GLU D 223 17.32 12.32 -27.27
CA GLU D 223 17.83 13.64 -26.89
C GLU D 223 18.75 14.22 -27.97
N PRO D 224 18.80 15.59 -28.14
CA PRO D 224 19.60 16.26 -29.19
C PRO D 224 20.98 15.75 -29.67
N ALA D 225 22.00 15.70 -28.80
CA ALA D 225 23.35 15.40 -29.31
C ALA D 225 24.37 15.29 -28.17
#